data_8SJ6
#
_entry.id   8SJ6
#
_cell.length_a   44.400
_cell.length_b   182.892
_cell.length_c   194.175
_cell.angle_alpha   90.000
_cell.angle_beta   90.000
_cell.angle_gamma   90.000
#
_symmetry.space_group_name_H-M   'P 2 21 21'
#
loop_
_entity.id
_entity.type
_entity.pdbx_description
1 polymer '8F3 light chain'
2 polymer '8F3 heavy chain'
3 polymer '38B7 heavy chain'
4 polymer '38B7 light chain'
5 polymer 'Ara h 2 allergen'
#
loop_
_entity_poly.entity_id
_entity_poly.type
_entity_poly.pdbx_seq_one_letter_code
_entity_poly.pdbx_strand_id
1 'polypeptide(L)'
;EIVLTQSPATLSLSPGERATLSCRASPSAGRFLAWYQQRPGQAPRLLIYDASKRATDTPARFSGSGSGTDFNLTIASLEP
EDFAVYYCQHRSNWPLTFGGGTKVEIKRTVAAPSVFIFPPSDEQLKSGTASVVCLLNNFYPREAKVQWKVDNALQSGNSQ
ESVTEQDSKDSTYSLSSTLTLSKADYEKHKVYACEVTHQGLSSPVTKSFNRGEC
;
D
2 'polypeptide(L)'
;QLQLQESGPGLVKPSETLSLTCTVSDASIDTPSYFWSWIRQPPGKGLEWIGSIYYTGNKYSNPSLKSRVTMSVDTPKRQF
SLRLSSVTAADTAVYYCARYVDYVWLRAFDIWGQGTRVTVSSASTKGPSVFPLAPSSKSTSGGTAALGCLVKDYFPEPVT
VSWNSGALTSGVHTFPAVLQSSGLYSLSSVVTVPSSSLGTQTYICNVNHKPSNTKVDKKVEPKSC
;
C
3 'polypeptide(L)'
;QVQLVESGGGVVQPGRSLRLSCVGSGFTFRRDAKYWVRQAPGKGLEWVAAISHDGGEEDYAESVKGRFTISRDNSRETVY
LEMNSLRPEDTAVYYCATTRSGWYFDYWGQGALVTVSSASTKGPSVFPLAPSSKSTSGGTAALGCLVKDYFPEPVTVSWN
SGALTSGVHTFPAVLQSSGLYSLSSVVTVPSSSLGTQTYICNVNHKPSNTKVDKKVEPKSC
;
A
4 'polypeptide(L)'
;EIVLTQSPATLSLSPGARATLSCRASQSVDTYLAWYQQRRGQSPRLLIYDASKRATGIPARFSGSGSGTDFTLTISSLEP
EDFAVYYCQQRNNWRTWTFGQGTKVEINRTVAAPSVFIFPPSDEQLKSGTASVVCLLNNFYPREAKVQWKVDNALQSGNS
QESVTEQDSKDSTYSLSSTLTLSKADYEKHKVYACEVTHQGLSSPVTKSFNRGEC
;
B
5 'polypeptide(L)'
;ELQGDRRCQSQLERANLRPCEQHLMQKIQRDEDSYERDPYSPSQDPYSPSPYDRRGAGSSQHQERCCNELNEFENNQRCM
CEALQQIMENQSDRLQGRQQEQQFKRELRNLPQQCGLRAPQRCDLDVESGGRDRYGSHHHHHH
;
Q
#
# COMPACT_ATOMS: atom_id res chain seq x y z
N GLU A 1 -6.05 20.56 -23.11
CA GLU A 1 -6.74 21.82 -22.86
C GLU A 1 -5.92 23.02 -23.33
N ILE A 2 -4.75 23.20 -22.73
CA ILE A 2 -3.87 24.30 -23.08
C ILE A 2 -3.15 23.95 -24.38
N VAL A 3 -3.16 24.89 -25.33
CA VAL A 3 -2.55 24.70 -26.64
C VAL A 3 -1.32 25.59 -26.72
N LEU A 4 -0.17 24.99 -27.01
CA LEU A 4 1.08 25.72 -27.20
C LEU A 4 1.36 25.83 -28.69
N THR A 5 1.42 27.07 -29.18
CA THR A 5 1.63 27.34 -30.60
C THR A 5 3.00 28.00 -30.78
N GLN A 6 3.83 27.38 -31.61
CA GLN A 6 5.14 27.92 -31.97
C GLN A 6 5.00 28.57 -33.34
N SER A 7 4.85 29.90 -33.36
CA SER A 7 4.61 30.61 -34.61
C SER A 7 5.72 30.43 -35.65
N PRO A 8 7.03 30.50 -35.32
CA PRO A 8 8.03 30.33 -36.38
C PRO A 8 8.08 28.90 -36.90
N ALA A 9 7.60 28.68 -38.12
CA ALA A 9 7.66 27.35 -38.71
C ALA A 9 9.10 26.93 -38.98
N THR A 10 9.87 27.82 -39.62
CA THR A 10 11.28 27.56 -39.89
C THR A 10 11.99 28.88 -40.13
N LEU A 11 13.26 28.93 -39.76
CA LEU A 11 14.07 30.12 -39.93
C LEU A 11 15.44 29.72 -40.45
N SER A 12 15.95 30.47 -41.43
CA SER A 12 17.27 30.25 -41.99
C SER A 12 18.16 31.43 -41.64
N LEU A 13 19.28 31.16 -40.97
CA LEU A 13 20.18 32.20 -40.53
C LEU A 13 21.62 31.71 -40.61
N SER A 14 22.53 32.64 -40.84
CA SER A 14 23.95 32.33 -40.85
C SER A 14 24.46 32.18 -39.41
N PRO A 15 25.55 31.45 -39.23
CA PRO A 15 26.12 31.31 -37.88
C PRO A 15 26.52 32.66 -37.30
N GLY A 16 26.32 32.80 -35.99
CA GLY A 16 26.63 34.03 -35.30
C GLY A 16 25.55 35.09 -35.32
N GLU A 17 24.42 34.83 -35.98
CA GLU A 17 23.33 35.77 -36.07
C GLU A 17 22.27 35.49 -35.02
N ARG A 18 21.65 36.54 -34.52
CA ARG A 18 20.62 36.41 -33.49
C ARG A 18 19.38 35.73 -34.06
N ALA A 19 18.79 34.83 -33.27
CA ALA A 19 17.58 34.13 -33.64
C ALA A 19 16.56 34.25 -32.51
N THR A 20 15.30 34.45 -32.88
CA THR A 20 14.21 34.56 -31.92
C THR A 20 13.15 33.53 -32.25
N LEU A 21 12.80 32.71 -31.26
CA LEU A 21 11.78 31.68 -31.39
C LEU A 21 10.63 32.00 -30.45
N SER A 22 9.41 31.94 -30.96
CA SER A 22 8.23 32.35 -30.21
C SER A 22 7.33 31.14 -29.94
N CYS A 23 6.95 30.97 -28.68
CA CYS A 23 5.96 29.99 -28.27
C CYS A 23 4.81 30.74 -27.61
N ARG A 24 3.59 30.53 -28.11
CA ARG A 24 2.43 31.27 -27.65
C ARG A 24 1.34 30.30 -27.22
N ALA A 25 0.70 30.61 -26.09
CA ALA A 25 -0.41 29.83 -25.57
C ALA A 25 -1.57 30.77 -25.31
N SER A 26 -2.65 30.61 -26.08
CA SER A 26 -3.84 31.43 -25.87
C SER A 26 -4.41 31.26 -24.46
N PRO A 27 -4.56 30.05 -23.92
CA PRO A 27 -4.83 29.93 -22.48
C PRO A 27 -3.55 30.23 -21.71
N SER A 28 -3.61 31.24 -20.85
CA SER A 28 -2.41 31.71 -20.16
C SER A 28 -1.82 30.62 -19.27
N ALA A 29 -0.51 30.44 -19.36
CA ALA A 29 0.21 29.49 -18.53
C ALA A 29 1.06 30.15 -17.46
N GLY A 30 1.52 31.38 -17.69
CA GLY A 30 2.27 32.11 -16.69
C GLY A 30 3.77 31.83 -16.73
N ARG A 31 4.38 31.77 -15.55
CA ARG A 31 5.82 31.52 -15.42
C ARG A 31 6.20 30.09 -15.77
N PHE A 32 5.22 29.21 -15.95
CA PHE A 32 5.48 27.78 -16.11
C PHE A 32 5.67 27.46 -17.59
N LEU A 33 6.92 27.27 -18.01
CA LEU A 33 7.22 26.91 -19.38
C LEU A 33 8.57 26.21 -19.42
N ALA A 34 8.77 25.39 -20.45
CA ALA A 34 10.02 24.67 -20.64
C ALA A 34 10.39 24.72 -22.11
N TRP A 35 11.69 24.56 -22.39
CA TRP A 35 12.21 24.55 -23.75
C TRP A 35 13.09 23.32 -23.95
N TYR A 36 12.94 22.69 -25.11
CA TYR A 36 13.70 21.50 -25.45
C TYR A 36 14.35 21.67 -26.82
N GLN A 37 15.44 20.94 -27.03
CA GLN A 37 16.15 20.94 -28.31
C GLN A 37 16.25 19.50 -28.79
N GLN A 38 15.55 19.19 -29.87
CA GLN A 38 15.55 17.85 -30.45
C GLN A 38 16.51 17.80 -31.63
N ARG A 39 17.45 16.87 -31.58
CA ARG A 39 18.47 16.70 -32.59
C ARG A 39 18.23 15.40 -33.37
N PRO A 40 18.87 15.23 -34.53
CA PRO A 40 18.74 13.96 -35.26
C PRO A 40 19.24 12.76 -34.48
N GLY A 41 20.04 12.97 -33.43
CA GLY A 41 20.51 11.88 -32.60
C GLY A 41 19.46 11.35 -31.64
N GLN A 42 18.18 11.60 -31.95
CA GLN A 42 17.02 11.13 -31.19
C GLN A 42 17.24 11.20 -29.68
N ALA A 43 17.54 12.41 -29.21
CA ALA A 43 17.78 12.65 -27.78
C ALA A 43 17.39 14.07 -27.43
N PRO A 44 16.09 14.31 -27.17
CA PRO A 44 15.68 15.62 -26.69
C PRO A 44 16.24 15.90 -25.31
N ARG A 45 16.48 17.18 -25.04
CA ARG A 45 17.11 17.58 -23.80
C ARG A 45 16.54 18.92 -23.35
N LEU A 46 16.57 19.16 -22.04
CA LEU A 46 16.06 20.40 -21.47
C LEU A 46 17.10 21.51 -21.56
N LEU A 47 16.67 22.68 -22.04
CA LEU A 47 17.52 23.85 -22.14
C LEU A 47 17.13 24.97 -21.21
N ILE A 48 15.86 25.38 -21.23
CA ILE A 48 15.37 26.49 -20.42
C ILE A 48 14.21 25.98 -19.56
N TYR A 49 14.30 26.20 -18.26
CA TYR A 49 13.22 25.90 -17.33
C TYR A 49 12.76 27.19 -16.67
N ASP A 50 11.51 27.17 -16.19
CA ASP A 50 10.84 28.33 -15.59
C ASP A 50 10.70 29.49 -16.57
N ALA A 51 10.91 29.24 -17.86
CA ALA A 51 10.77 30.19 -18.97
C ALA A 51 11.84 31.29 -18.95
N SER A 52 12.68 31.36 -17.91
CA SER A 52 13.72 32.37 -17.85
C SER A 52 15.07 31.87 -17.37
N LYS A 53 15.16 30.66 -16.80
CA LYS A 53 16.38 30.17 -16.19
C LYS A 53 16.98 29.06 -17.03
N ARG A 54 18.28 29.18 -17.30
CA ARG A 54 18.98 28.16 -18.07
C ARG A 54 19.15 26.89 -17.24
N ALA A 55 19.00 25.74 -17.90
CA ALA A 55 19.21 24.47 -17.24
C ALA A 55 20.70 24.18 -17.08
N THR A 56 21.01 23.14 -16.33
CA THR A 56 22.40 22.75 -16.12
C THR A 56 23.02 22.24 -17.43
N ASP A 57 24.32 22.47 -17.57
CA ASP A 57 25.07 22.07 -18.76
C ASP A 57 24.45 22.65 -20.02
N THR A 58 24.07 23.92 -19.97
CA THR A 58 23.48 24.63 -21.10
C THR A 58 24.29 25.90 -21.33
N PRO A 59 24.70 26.19 -22.57
CA PRO A 59 25.50 27.39 -22.83
C PRO A 59 24.74 28.66 -22.49
N ALA A 60 25.49 29.67 -22.06
CA ALA A 60 24.91 30.94 -21.64
C ALA A 60 24.31 31.74 -22.78
N ARG A 61 24.61 31.39 -24.03
CA ARG A 61 24.06 32.13 -25.16
C ARG A 61 22.54 31.96 -25.28
N PHE A 62 21.98 30.92 -24.68
CA PHE A 62 20.54 30.72 -24.70
C PHE A 62 19.87 31.62 -23.68
N SER A 63 18.73 32.19 -24.06
CA SER A 63 17.97 33.05 -23.17
C SER A 63 16.49 32.96 -23.53
N GLY A 64 15.66 33.28 -22.55
CA GLY A 64 14.22 33.22 -22.75
C GLY A 64 13.51 34.26 -21.91
N SER A 65 12.30 34.61 -22.36
CA SER A 65 11.46 35.57 -21.67
C SER A 65 10.05 35.02 -21.55
N GLY A 66 9.39 35.35 -20.46
CA GLY A 66 8.04 34.88 -20.19
C GLY A 66 7.13 35.98 -19.72
N SER A 67 5.89 35.94 -20.19
CA SER A 67 4.89 36.94 -19.80
C SER A 67 3.53 36.35 -19.50
N GLY A 68 3.34 35.04 -19.65
CA GLY A 68 2.06 34.42 -19.36
C GLY A 68 1.33 33.92 -20.59
N THR A 69 1.38 34.68 -21.68
CA THR A 69 0.74 34.31 -22.93
C THR A 69 1.73 34.11 -24.06
N ASP A 70 2.68 35.03 -24.23
CA ASP A 70 3.67 34.96 -25.28
C ASP A 70 5.06 34.84 -24.65
N PHE A 71 5.83 33.87 -25.13
CA PHE A 71 7.19 33.65 -24.65
C PHE A 71 8.15 33.64 -25.84
N ASN A 72 9.35 34.17 -25.63
CA ASN A 72 10.35 34.30 -26.68
C ASN A 72 11.64 33.61 -26.26
N LEU A 73 12.24 32.88 -27.18
CA LEU A 73 13.54 32.23 -26.99
C LEU A 73 14.54 32.90 -27.90
N THR A 74 15.63 33.43 -27.32
CA THR A 74 16.62 34.18 -28.05
C THR A 74 17.99 33.57 -27.89
N ILE A 75 18.75 33.52 -28.98
CA ILE A 75 20.12 33.02 -28.99
C ILE A 75 21.01 34.10 -29.61
N ALA A 76 22.12 34.41 -28.93
CA ALA A 76 23.02 35.47 -29.41
C ALA A 76 23.74 35.04 -30.68
N SER A 77 24.55 33.98 -30.59
CA SER A 77 25.30 33.46 -31.72
C SER A 77 24.83 32.05 -32.03
N LEU A 78 24.51 31.79 -33.30
CA LEU A 78 24.00 30.49 -33.73
C LEU A 78 25.18 29.60 -34.10
N GLU A 79 25.67 28.85 -33.12
CA GLU A 79 26.71 27.87 -33.37
C GLU A 79 26.15 26.72 -34.20
N PRO A 80 27.01 26.01 -34.95
CA PRO A 80 26.50 24.93 -35.81
C PRO A 80 25.73 23.86 -35.06
N GLU A 81 26.06 23.58 -33.81
CA GLU A 81 25.34 22.58 -33.04
C GLU A 81 23.93 23.04 -32.68
N ASP A 82 23.65 24.34 -32.75
CA ASP A 82 22.35 24.86 -32.37
C ASP A 82 21.27 24.65 -33.43
N PHE A 83 21.64 24.24 -34.65
CA PHE A 83 20.68 24.04 -35.72
C PHE A 83 19.95 22.72 -35.46
N ALA A 84 18.76 22.81 -34.87
CA ALA A 84 17.97 21.64 -34.53
C ALA A 84 16.51 22.05 -34.41
N VAL A 85 15.68 21.17 -33.87
CA VAL A 85 14.26 21.41 -33.70
C VAL A 85 14.00 21.70 -32.23
N TYR A 86 13.21 22.75 -31.96
CA TYR A 86 12.94 23.20 -30.60
C TYR A 86 11.46 23.08 -30.29
N TYR A 87 11.15 22.62 -29.07
CA TYR A 87 9.79 22.47 -28.60
C TYR A 87 9.63 23.19 -27.26
N CYS A 88 8.43 23.70 -27.02
CA CYS A 88 8.09 24.35 -25.77
C CYS A 88 7.04 23.53 -25.03
N GLN A 89 7.18 23.42 -23.72
CA GLN A 89 6.30 22.61 -22.90
C GLN A 89 5.83 23.42 -21.70
N HIS A 90 4.55 23.24 -21.33
CA HIS A 90 3.93 23.94 -20.22
C HIS A 90 3.51 22.95 -19.15
N ARG A 91 3.35 23.45 -17.92
CA ARG A 91 2.86 22.63 -16.83
C ARG A 91 1.89 23.38 -15.92
N SER A 92 1.36 24.52 -16.36
CA SER A 92 0.40 25.26 -15.53
C SER A 92 -0.86 24.44 -15.29
N ASN A 93 -1.33 23.73 -16.32
CA ASN A 93 -2.46 22.83 -16.22
C ASN A 93 -2.00 21.40 -16.48
N TRP A 94 -2.71 20.45 -15.85
CA TRP A 94 -2.32 19.06 -15.97
C TRP A 94 -2.34 18.51 -17.40
N PRO A 95 -3.24 18.92 -18.30
CA PRO A 95 -3.11 18.46 -19.69
C PRO A 95 -1.88 19.03 -20.36
N LEU A 96 -0.71 18.47 -20.03
CA LEU A 96 0.56 18.93 -20.57
C LEU A 96 0.61 18.70 -22.08
N THR A 97 1.07 19.72 -22.81
CA THR A 97 1.23 19.63 -24.25
C THR A 97 2.58 20.22 -24.64
N PHE A 98 3.08 19.80 -25.79
CA PHE A 98 4.30 20.34 -26.38
C PHE A 98 3.95 21.22 -27.57
N GLY A 99 4.90 22.09 -27.93
CA GLY A 99 4.70 22.97 -29.06
C GLY A 99 4.79 22.24 -30.39
N GLY A 100 4.44 22.97 -31.44
CA GLY A 100 4.49 22.40 -32.78
C GLY A 100 5.89 22.03 -33.21
N GLY A 101 6.85 22.90 -32.91
CA GLY A 101 8.24 22.64 -33.27
C GLY A 101 8.77 23.62 -34.29
N THR A 102 9.93 24.21 -34.00
CA THR A 102 10.60 25.15 -34.90
C THR A 102 11.95 24.59 -35.30
N LYS A 103 12.23 24.59 -36.60
CA LYS A 103 13.49 24.10 -37.13
C LYS A 103 14.31 25.26 -37.67
N VAL A 104 15.56 25.35 -37.22
CA VAL A 104 16.50 26.39 -37.66
C VAL A 104 17.53 25.73 -38.56
N GLU A 105 17.73 26.31 -39.75
CA GLU A 105 18.63 25.76 -40.75
C GLU A 105 19.72 26.77 -41.09
N ILE A 106 20.72 26.29 -41.82
CA ILE A 106 21.89 27.09 -42.16
C ILE A 106 21.63 27.87 -43.44
N LYS A 107 21.88 29.17 -43.39
CA LYS A 107 21.71 30.02 -44.56
C LYS A 107 22.75 29.68 -45.62
N ARG A 108 22.31 29.65 -46.88
CA ARG A 108 23.20 29.37 -47.99
C ARG A 108 22.56 29.93 -49.27
N THR A 109 23.39 30.12 -50.29
CA THR A 109 22.89 30.60 -51.57
C THR A 109 21.99 29.56 -52.20
N VAL A 110 21.04 30.03 -53.01
CA VAL A 110 20.08 29.14 -53.66
C VAL A 110 20.81 28.27 -54.67
N ALA A 111 20.62 26.95 -54.55
CA ALA A 111 21.28 25.97 -55.40
C ALA A 111 20.22 25.23 -56.22
N ALA A 112 20.39 25.23 -57.53
CA ALA A 112 19.48 24.52 -58.42
C ALA A 112 19.76 23.03 -58.37
N PRO A 113 18.74 22.19 -58.20
CA PRO A 113 18.97 20.74 -58.14
C PRO A 113 19.41 20.17 -59.48
N SER A 114 20.16 19.07 -59.41
CA SER A 114 20.51 18.28 -60.57
C SER A 114 19.61 17.05 -60.58
N VAL A 115 18.81 16.91 -61.63
CA VAL A 115 17.77 15.89 -61.71
C VAL A 115 18.31 14.69 -62.47
N PHE A 116 18.14 13.50 -61.89
CA PHE A 116 18.52 12.25 -62.54
C PHE A 116 17.36 11.27 -62.42
N ILE A 117 17.08 10.56 -63.52
CA ILE A 117 16.02 9.55 -63.56
C ILE A 117 16.66 8.20 -63.82
N PHE A 118 16.22 7.19 -63.06
CA PHE A 118 16.81 5.87 -63.13
C PHE A 118 15.75 4.84 -63.51
N PRO A 119 15.88 4.16 -64.65
CA PRO A 119 14.91 3.12 -65.01
C PRO A 119 14.99 1.96 -64.03
N PRO A 120 13.88 1.25 -63.82
CA PRO A 120 13.93 0.03 -63.01
C PRO A 120 14.84 -1.00 -63.66
N SER A 121 15.63 -1.68 -62.83
CA SER A 121 16.59 -2.65 -63.33
C SER A 121 15.89 -3.95 -63.73
N ASP A 122 16.58 -4.73 -64.55
CA ASP A 122 16.04 -6.03 -64.98
C ASP A 122 16.00 -7.03 -63.83
N GLU A 123 16.72 -6.77 -62.74
CA GLU A 123 16.74 -7.71 -61.62
C GLU A 123 15.38 -7.79 -60.94
N GLN A 124 14.80 -6.62 -60.59
CA GLN A 124 13.50 -6.63 -59.95
C GLN A 124 12.34 -6.79 -60.94
N LEU A 125 12.59 -6.56 -62.23
CA LEU A 125 11.55 -6.81 -63.21
C LEU A 125 11.26 -8.30 -63.36
N LYS A 126 12.24 -9.14 -63.04
CA LYS A 126 12.04 -10.59 -63.12
C LYS A 126 11.00 -11.04 -62.10
N SER A 127 11.13 -10.59 -60.85
CA SER A 127 10.20 -10.96 -59.79
C SER A 127 9.07 -9.94 -59.64
N GLY A 128 8.42 -9.60 -60.75
CA GLY A 128 7.26 -8.73 -60.71
C GLY A 128 7.53 -7.29 -60.32
N THR A 129 6.57 -6.41 -60.62
CA THR A 129 6.61 -5.00 -60.27
C THR A 129 7.83 -4.28 -60.84
N ALA A 130 8.03 -3.02 -60.44
CA ALA A 130 9.14 -2.21 -60.91
C ALA A 130 9.31 -1.04 -59.95
N SER A 131 10.28 -0.18 -60.24
CA SER A 131 10.54 1.00 -59.40
C SER A 131 11.32 2.01 -60.22
N VAL A 132 10.71 3.16 -60.47
CA VAL A 132 11.37 4.27 -61.17
C VAL A 132 11.74 5.33 -60.15
N VAL A 133 13.02 5.70 -60.12
CA VAL A 133 13.57 6.58 -59.10
C VAL A 133 14.01 7.89 -59.76
N CYS A 134 13.50 9.00 -59.24
CA CYS A 134 13.89 10.33 -59.65
C CYS A 134 14.57 11.02 -58.47
N LEU A 135 15.72 11.64 -58.73
CA LEU A 135 16.57 12.14 -57.66
C LEU A 135 16.97 13.59 -57.92
N LEU A 136 17.17 14.33 -56.82
CA LEU A 136 17.66 15.70 -56.85
C LEU A 136 18.97 15.76 -56.09
N ASN A 137 20.04 16.21 -56.76
CA ASN A 137 21.36 16.20 -56.15
C ASN A 137 21.42 17.15 -54.95
N ASN A 138 21.24 18.44 -55.19
CA ASN A 138 21.42 19.45 -54.14
C ASN A 138 20.50 20.63 -54.47
N PHE A 139 19.40 20.74 -53.72
CA PHE A 139 18.44 21.81 -53.93
C PHE A 139 18.23 22.61 -52.64
N TYR A 140 18.15 23.93 -52.78
CA TYR A 140 17.96 24.84 -51.67
C TYR A 140 17.05 25.95 -52.19
N PRO A 141 15.94 26.25 -51.50
CA PRO A 141 15.48 25.71 -50.22
C PRO A 141 14.84 24.32 -50.31
N ARG A 142 14.38 23.79 -49.18
CA ARG A 142 13.79 22.45 -49.15
C ARG A 142 12.49 22.37 -49.95
N GLU A 143 11.86 23.49 -50.25
CA GLU A 143 10.62 23.46 -51.03
C GLU A 143 10.91 23.03 -52.45
N ALA A 144 10.19 22.01 -52.92
CA ALA A 144 10.38 21.48 -54.27
C ALA A 144 9.12 20.73 -54.68
N LYS A 145 8.97 20.54 -55.98
CA LYS A 145 7.83 19.83 -56.55
C LYS A 145 8.33 18.85 -57.60
N VAL A 146 7.88 17.60 -57.49
CA VAL A 146 8.24 16.55 -58.43
C VAL A 146 6.96 16.01 -59.06
N GLN A 147 6.90 16.01 -60.38
CA GLN A 147 5.73 15.56 -61.13
C GLN A 147 6.11 14.35 -61.96
N TRP A 148 5.30 13.30 -61.90
CA TRP A 148 5.51 12.09 -62.67
C TRP A 148 4.55 12.05 -63.86
N LYS A 149 5.11 11.90 -65.05
CA LYS A 149 4.32 11.82 -66.27
C LYS A 149 4.71 10.57 -67.04
N VAL A 150 3.72 9.75 -67.41
CA VAL A 150 3.93 8.54 -68.19
C VAL A 150 3.19 8.72 -69.51
N ASP A 151 3.95 8.90 -70.59
CA ASP A 151 3.39 9.21 -71.91
C ASP A 151 2.49 10.43 -71.84
N ASN A 152 3.01 11.49 -71.21
CA ASN A 152 2.31 12.77 -71.05
C ASN A 152 1.00 12.62 -70.29
N ALA A 153 0.95 11.69 -69.34
CA ALA A 153 -0.21 11.49 -68.48
C ALA A 153 0.20 11.75 -67.04
N LEU A 154 -0.52 12.65 -66.37
CA LEU A 154 -0.20 12.99 -64.99
C LEU A 154 -0.46 11.80 -64.07
N GLN A 155 0.50 11.51 -63.19
CA GLN A 155 0.41 10.41 -62.26
C GLN A 155 0.14 10.95 -60.86
N SER A 156 -0.88 10.40 -60.21
CA SER A 156 -1.27 10.83 -58.87
C SER A 156 -1.58 9.61 -58.02
N GLY A 157 -1.08 9.61 -56.79
CA GLY A 157 -1.36 8.54 -55.84
C GLY A 157 -0.50 7.31 -55.99
N ASN A 158 0.47 7.30 -56.90
CA ASN A 158 1.33 6.14 -57.12
C ASN A 158 2.81 6.47 -56.94
N SER A 159 3.13 7.56 -56.25
CA SER A 159 4.51 7.97 -56.03
C SER A 159 4.72 8.34 -54.56
N GLN A 160 5.96 8.18 -54.11
CA GLN A 160 6.34 8.50 -52.74
C GLN A 160 7.62 9.32 -52.76
N GLU A 161 7.79 10.16 -51.74
CA GLU A 161 8.86 11.14 -51.71
C GLU A 161 9.54 11.14 -50.35
N SER A 162 10.82 11.54 -50.35
CA SER A 162 11.60 11.64 -49.12
C SER A 162 12.65 12.73 -49.31
N VAL A 163 13.11 13.29 -48.18
CA VAL A 163 14.03 14.41 -48.18
C VAL A 163 15.09 14.18 -47.10
N THR A 164 16.36 14.41 -47.44
CA THR A 164 17.44 14.26 -46.49
C THR A 164 17.44 15.41 -45.48
N GLU A 165 18.16 15.22 -44.39
CA GLU A 165 18.19 16.19 -43.30
C GLU A 165 19.35 17.18 -43.42
N GLN A 166 19.47 17.80 -44.60
CA GLN A 166 20.36 18.95 -44.81
C GLN A 166 21.80 18.61 -44.43
N ASP A 167 22.40 17.72 -45.23
CA ASP A 167 23.81 17.37 -45.10
C ASP A 167 24.67 18.60 -44.81
N SER A 168 25.42 18.55 -43.71
CA SER A 168 26.10 19.74 -43.22
C SER A 168 27.24 20.17 -44.13
N LYS A 169 27.84 19.24 -44.87
CA LYS A 169 29.00 19.59 -45.69
C LYS A 169 28.63 20.58 -46.78
N ASP A 170 27.49 20.39 -47.43
CA ASP A 170 27.03 21.30 -48.47
C ASP A 170 25.93 22.25 -48.01
N SER A 171 25.28 21.95 -46.88
CA SER A 171 24.17 22.75 -46.35
C SER A 171 23.04 22.86 -47.37
N THR A 172 22.80 21.79 -48.11
CA THR A 172 21.72 21.69 -49.08
C THR A 172 20.88 20.46 -48.78
N TYR A 173 19.85 20.24 -49.58
CA TYR A 173 18.93 19.13 -49.43
C TYR A 173 19.02 18.19 -50.62
N SER A 174 18.58 16.96 -50.41
CA SER A 174 18.49 15.96 -51.47
C SER A 174 17.12 15.29 -51.40
N LEU A 175 16.55 14.98 -52.56
CA LEU A 175 15.21 14.43 -52.66
C LEU A 175 15.24 13.17 -53.53
N SER A 176 14.48 12.16 -53.10
CA SER A 176 14.32 10.92 -53.85
C SER A 176 12.84 10.62 -53.99
N SER A 177 12.40 10.37 -55.23
CA SER A 177 11.02 10.04 -55.53
C SER A 177 10.96 8.70 -56.24
N THR A 178 10.14 7.79 -55.73
CA THR A 178 10.01 6.45 -56.28
C THR A 178 8.60 6.26 -56.81
N LEU A 179 8.50 5.87 -58.08
CA LEU A 179 7.22 5.58 -58.72
C LEU A 179 7.06 4.07 -58.83
N THR A 180 6.04 3.54 -58.16
CA THR A 180 5.82 2.10 -58.10
C THR A 180 4.71 1.71 -59.08
N LEU A 181 5.06 0.87 -60.05
CA LEU A 181 4.12 0.36 -61.03
C LEU A 181 4.31 -1.14 -61.20
N SER A 182 3.25 -1.83 -61.59
CA SER A 182 3.33 -3.26 -61.83
C SER A 182 4.11 -3.53 -63.11
N LYS A 183 4.60 -4.77 -63.22
CA LYS A 183 5.38 -5.14 -64.40
C LYS A 183 4.54 -5.07 -65.67
N ALA A 184 3.29 -5.54 -65.61
CA ALA A 184 2.42 -5.49 -66.78
C ALA A 184 2.13 -4.05 -67.19
N ASP A 185 1.84 -3.18 -66.23
CA ASP A 185 1.57 -1.78 -66.56
C ASP A 185 2.82 -1.06 -67.02
N TYR A 186 3.99 -1.43 -66.50
CA TYR A 186 5.23 -0.77 -66.91
C TYR A 186 5.52 -1.00 -68.38
N GLU A 187 5.27 -2.22 -68.89
CA GLU A 187 5.54 -2.54 -70.28
C GLU A 187 4.53 -1.91 -71.24
N LYS A 188 3.41 -1.39 -70.73
CA LYS A 188 2.43 -0.78 -71.61
C LYS A 188 2.94 0.50 -72.25
N HIS A 189 3.83 1.23 -71.56
CA HIS A 189 4.33 2.50 -72.04
C HIS A 189 5.85 2.49 -72.06
N LYS A 190 6.42 3.26 -72.98
CA LYS A 190 7.86 3.30 -73.19
C LYS A 190 8.52 4.59 -72.72
N VAL A 191 7.82 5.72 -72.80
CA VAL A 191 8.38 7.02 -72.44
C VAL A 191 7.98 7.34 -71.01
N TYR A 192 8.99 7.54 -70.15
CA TYR A 192 8.78 7.91 -68.76
C TYR A 192 9.58 9.17 -68.48
N ALA A 193 8.94 10.17 -67.87
CA ALA A 193 9.56 11.46 -67.61
C ALA A 193 9.32 11.88 -66.16
N CYS A 194 10.28 12.61 -65.61
CA CYS A 194 10.19 13.18 -64.28
C CYS A 194 10.44 14.67 -64.37
N GLU A 195 9.48 15.47 -63.92
CA GLU A 195 9.57 16.93 -63.98
C GLU A 195 9.77 17.47 -62.58
N VAL A 196 10.77 18.33 -62.42
CA VAL A 196 11.12 18.92 -61.14
C VAL A 196 10.99 20.43 -61.25
N THR A 197 10.24 21.03 -60.33
CA THR A 197 10.08 22.47 -60.24
C THR A 197 10.74 22.97 -58.97
N HIS A 198 11.62 23.95 -59.10
CA HIS A 198 12.39 24.44 -57.97
C HIS A 198 12.64 25.94 -58.14
N GLN A 199 12.93 26.59 -57.01
CA GLN A 199 13.18 28.03 -57.03
C GLN A 199 14.45 28.38 -57.80
N GLY A 200 15.46 27.52 -57.73
CA GLY A 200 16.71 27.76 -58.41
C GLY A 200 16.72 27.53 -59.90
N LEU A 201 15.61 27.03 -60.45
CA LEU A 201 15.48 26.79 -61.88
C LEU A 201 14.55 27.84 -62.49
N SER A 202 15.00 28.49 -63.55
CA SER A 202 14.16 29.48 -64.23
C SER A 202 12.93 28.82 -64.82
N SER A 203 13.08 27.64 -65.42
CA SER A 203 12.00 26.86 -65.97
C SER A 203 12.09 25.43 -65.45
N PRO A 204 10.97 24.73 -65.37
CA PRO A 204 11.01 23.34 -64.90
C PRO A 204 11.91 22.48 -65.76
N VAL A 205 12.66 21.59 -65.11
CA VAL A 205 13.61 20.71 -65.78
C VAL A 205 13.04 19.29 -65.74
N THR A 206 12.89 18.68 -66.92
CA THR A 206 12.32 17.36 -67.05
C THR A 206 13.40 16.39 -67.54
N LYS A 207 13.59 15.30 -66.79
CA LYS A 207 14.51 14.24 -67.17
C LYS A 207 13.70 13.01 -67.55
N SER A 208 13.88 12.54 -68.77
CA SER A 208 13.11 11.41 -69.30
C SER A 208 14.07 10.36 -69.85
N PHE A 209 13.75 9.09 -69.59
CA PHE A 209 14.50 7.97 -70.14
C PHE A 209 13.62 7.19 -71.09
N ASN A 210 14.23 6.72 -72.18
CA ASN A 210 13.56 5.88 -73.17
C ASN A 210 14.24 4.51 -73.19
N ARG A 211 13.43 3.45 -73.17
CA ARG A 211 13.98 2.10 -73.12
C ARG A 211 14.77 1.75 -74.39
N GLY A 212 14.48 2.42 -75.51
CA GLY A 212 15.18 2.11 -76.74
C GLY A 212 16.66 2.39 -76.67
N GLU A 213 17.05 3.46 -75.96
CA GLU A 213 18.45 3.83 -75.81
C GLU A 213 19.00 3.16 -74.57
N CYS A 214 19.47 1.93 -74.73
CA CYS A 214 20.04 1.16 -73.62
C CYS A 214 21.10 0.18 -74.12
N GLN B 1 25.29 8.67 -11.25
CA GLN B 1 24.60 9.41 -12.30
C GLN B 1 23.24 8.80 -12.61
N LEU B 2 22.22 9.64 -12.70
CA LEU B 2 20.87 9.20 -12.97
C LEU B 2 20.66 9.06 -14.47
N GLN B 3 20.23 7.88 -14.90
CA GLN B 3 19.90 7.62 -16.30
C GLN B 3 18.70 6.68 -16.36
N LEU B 4 17.96 6.75 -17.46
CA LEU B 4 16.77 5.94 -17.66
C LEU B 4 16.96 5.05 -18.88
N GLN B 5 16.75 3.75 -18.70
CA GLN B 5 16.85 2.77 -19.78
C GLN B 5 15.50 2.12 -19.97
N GLU B 6 15.04 2.07 -21.22
CA GLU B 6 13.72 1.56 -21.56
C GLU B 6 13.85 0.24 -22.32
N SER B 7 12.96 -0.69 -22.02
CA SER B 7 12.95 -2.00 -22.65
C SER B 7 11.53 -2.33 -23.10
N GLY B 8 11.43 -3.05 -24.22
CA GLY B 8 10.16 -3.44 -24.76
C GLY B 8 10.28 -4.02 -26.16
N PRO B 9 9.24 -4.69 -26.63
CA PRO B 9 9.28 -5.27 -27.98
C PRO B 9 9.25 -4.18 -29.04
N GLY B 10 10.06 -4.37 -30.08
CA GLY B 10 10.09 -3.44 -31.20
C GLY B 10 8.99 -3.65 -32.22
N LEU B 11 8.30 -4.78 -32.17
CA LEU B 11 7.20 -5.08 -33.07
C LEU B 11 5.94 -5.35 -32.26
N VAL B 12 4.84 -4.73 -32.68
CA VAL B 12 3.57 -4.83 -31.96
C VAL B 12 2.49 -5.23 -32.96
N LYS B 13 1.68 -6.20 -32.58
CA LYS B 13 0.56 -6.61 -33.41
C LYS B 13 -0.50 -5.50 -33.45
N PRO B 14 -1.31 -5.45 -34.52
CA PRO B 14 -2.26 -4.33 -34.68
C PRO B 14 -3.15 -4.09 -33.47
N SER B 15 -3.89 -5.12 -33.04
CA SER B 15 -4.84 -4.95 -31.95
C SER B 15 -4.27 -5.32 -30.58
N GLU B 16 -3.16 -6.05 -30.54
CA GLU B 16 -2.60 -6.48 -29.26
C GLU B 16 -2.03 -5.29 -28.49
N THR B 17 -2.16 -5.35 -27.17
CA THR B 17 -1.73 -4.26 -26.31
C THR B 17 -0.21 -4.20 -26.26
N LEU B 18 0.33 -2.99 -26.44
CA LEU B 18 1.77 -2.77 -26.35
C LEU B 18 2.18 -2.58 -24.89
N SER B 19 3.26 -3.25 -24.49
CA SER B 19 3.77 -3.16 -23.13
C SER B 19 5.20 -2.64 -23.16
N LEU B 20 5.46 -1.61 -22.35
CA LEU B 20 6.80 -1.03 -22.23
C LEU B 20 7.14 -0.84 -20.76
N THR B 21 8.42 -1.00 -20.44
CA THR B 21 8.91 -0.88 -19.08
C THR B 21 10.26 -0.18 -19.09
N CYS B 22 10.42 0.79 -18.18
CA CYS B 22 11.67 1.51 -18.03
C CYS B 22 12.28 1.21 -16.66
N THR B 23 13.60 1.08 -16.64
CA THR B 23 14.36 0.83 -15.41
C THR B 23 15.11 2.08 -15.02
N VAL B 24 14.96 2.49 -13.76
CA VAL B 24 15.59 3.69 -13.23
C VAL B 24 16.90 3.29 -12.56
N SER B 25 18.01 3.86 -13.04
CA SER B 25 19.31 3.53 -12.47
C SER B 25 19.46 4.10 -11.06
N ASP B 26 19.01 5.34 -10.85
CA ASP B 26 19.14 5.99 -9.56
C ASP B 26 18.02 5.64 -8.59
N ALA B 27 17.03 4.85 -9.03
CA ALA B 27 15.99 4.31 -8.17
C ALA B 27 15.30 5.41 -7.35
N SER B 28 15.00 6.52 -8.01
CA SER B 28 14.28 7.63 -7.39
C SER B 28 12.77 7.47 -7.51
N ILE B 29 12.29 6.24 -7.69
CA ILE B 29 10.85 6.01 -7.83
C ILE B 29 10.12 6.43 -6.55
N ASP B 30 10.66 6.05 -5.39
CA ASP B 30 10.04 6.36 -4.12
C ASP B 30 10.24 7.80 -3.69
N THR B 31 11.08 8.56 -4.38
CA THR B 31 11.34 9.94 -4.01
C THR B 31 10.08 10.80 -4.23
N PRO B 32 9.72 11.65 -3.28
CA PRO B 32 8.56 12.53 -3.48
C PRO B 32 8.82 13.56 -4.58
N SER B 33 7.72 14.08 -5.11
CA SER B 33 7.71 15.12 -6.14
C SER B 33 8.30 14.64 -7.47
N TYR B 34 8.42 13.33 -7.65
CA TYR B 34 8.93 12.75 -8.90
C TYR B 34 7.82 11.94 -9.55
N PHE B 35 7.30 12.44 -10.66
CA PHE B 35 6.44 11.65 -11.52
C PHE B 35 7.27 10.98 -12.62
N TRP B 36 6.75 9.88 -13.14
CA TRP B 36 7.42 9.12 -14.19
C TRP B 36 6.52 9.09 -15.41
N SER B 37 7.04 9.58 -16.53
CA SER B 37 6.22 9.84 -17.71
C SER B 37 6.79 9.12 -18.93
N TRP B 38 5.94 9.00 -19.94
CA TRP B 38 6.31 8.42 -21.24
C TRP B 38 6.01 9.44 -22.33
N ILE B 39 6.97 9.64 -23.22
CA ILE B 39 6.82 10.57 -24.35
C ILE B 39 7.08 9.79 -25.63
N ARG B 40 6.16 9.91 -26.59
CA ARG B 40 6.29 9.25 -27.87
C ARG B 40 6.44 10.29 -28.98
N GLN B 41 7.27 9.98 -29.96
CA GLN B 41 7.52 10.88 -31.09
C GLN B 41 7.26 10.13 -32.39
N PRO B 42 6.14 10.41 -33.08
CA PRO B 42 5.91 9.76 -34.35
C PRO B 42 6.97 10.16 -35.37
N PRO B 43 7.28 9.29 -36.32
CA PRO B 43 8.32 9.62 -37.31
C PRO B 43 7.95 10.87 -38.10
N GLY B 44 8.87 11.83 -38.13
CA GLY B 44 8.63 13.07 -38.81
C GLY B 44 7.60 13.96 -38.17
N LYS B 45 7.34 13.78 -36.87
CA LYS B 45 6.33 14.55 -36.17
C LYS B 45 6.87 14.96 -34.80
N GLY B 46 6.19 15.92 -34.18
CA GLY B 46 6.63 16.43 -32.90
C GLY B 46 6.39 15.47 -31.75
N LEU B 47 6.95 15.82 -30.60
CA LEU B 47 6.80 15.01 -29.40
C LEU B 47 5.35 15.06 -28.90
N GLU B 48 4.91 13.94 -28.33
CA GLU B 48 3.56 13.82 -27.79
C GLU B 48 3.63 13.20 -26.40
N TRP B 49 2.92 13.80 -25.45
CA TRP B 49 2.90 13.29 -24.08
C TRP B 49 1.88 12.16 -23.95
N ILE B 50 2.30 11.04 -23.37
CA ILE B 50 1.43 9.88 -23.22
C ILE B 50 0.75 9.95 -21.85
N GLY B 51 1.54 10.01 -20.79
CA GLY B 51 0.97 10.09 -19.45
C GLY B 51 2.08 10.10 -18.42
N SER B 52 1.69 10.45 -17.19
CA SER B 52 2.59 10.52 -16.06
C SER B 52 1.97 9.78 -14.89
N ILE B 53 2.79 9.03 -14.15
CA ILE B 53 2.32 8.24 -13.02
C ILE B 53 3.21 8.50 -11.82
N TYR B 54 2.60 8.55 -10.64
CA TYR B 54 3.29 8.74 -9.37
C TYR B 54 3.46 7.41 -8.66
N TYR B 55 4.27 7.43 -7.59
CA TYR B 55 4.55 6.21 -6.85
C TYR B 55 3.42 5.79 -5.94
N THR B 56 2.46 6.68 -5.65
CA THR B 56 1.34 6.36 -4.78
C THR B 56 0.17 5.74 -5.53
N GLY B 57 0.22 5.70 -6.85
CA GLY B 57 -0.86 5.11 -7.63
C GLY B 57 -1.57 6.10 -8.53
N ASN B 58 -1.77 7.32 -8.04
CA ASN B 58 -2.45 8.34 -8.84
C ASN B 58 -1.61 8.71 -10.05
N LYS B 59 -2.28 8.92 -11.19
CA LYS B 59 -1.59 9.16 -12.44
C LYS B 59 -2.40 10.13 -13.29
N TYR B 60 -1.72 10.77 -14.24
CA TYR B 60 -2.34 11.67 -15.20
C TYR B 60 -1.88 11.28 -16.60
N SER B 61 -2.82 11.25 -17.55
CA SER B 61 -2.53 10.83 -18.91
C SER B 61 -3.08 11.86 -19.89
N ASN B 62 -2.71 11.69 -21.15
CA ASN B 62 -3.18 12.58 -22.20
C ASN B 62 -4.71 12.44 -22.34
N PRO B 63 -5.44 13.55 -22.45
CA PRO B 63 -6.90 13.44 -22.58
C PRO B 63 -7.34 12.66 -23.80
N SER B 64 -6.61 12.74 -24.90
CA SER B 64 -6.95 11.99 -26.11
C SER B 64 -6.51 10.54 -26.06
N LEU B 65 -5.68 10.15 -25.09
CA LEU B 65 -5.18 8.79 -24.97
C LEU B 65 -5.51 8.15 -23.63
N LYS B 66 -6.29 8.83 -22.79
CA LYS B 66 -6.57 8.31 -21.45
C LYS B 66 -7.32 6.99 -21.52
N SER B 67 -8.27 6.85 -22.45
CA SER B 67 -9.06 5.63 -22.56
C SER B 67 -8.23 4.43 -22.98
N ARG B 68 -7.05 4.64 -23.55
CA ARG B 68 -6.23 3.54 -24.05
C ARG B 68 -4.90 3.40 -23.31
N VAL B 69 -4.58 4.29 -22.38
CA VAL B 69 -3.29 4.30 -21.70
C VAL B 69 -3.50 3.93 -20.24
N THR B 70 -2.76 2.92 -19.78
CA THR B 70 -2.72 2.54 -18.38
C THR B 70 -1.27 2.35 -17.96
N MET B 71 -0.95 2.74 -16.73
CA MET B 71 0.42 2.70 -16.25
C MET B 71 0.48 2.03 -14.88
N SER B 72 1.62 1.41 -14.60
CA SER B 72 1.88 0.76 -13.32
C SER B 72 3.29 1.13 -12.86
N VAL B 73 3.50 1.09 -11.55
CA VAL B 73 4.78 1.43 -10.94
C VAL B 73 5.21 0.29 -10.01
N ASP B 74 6.44 -0.14 -10.15
CA ASP B 74 7.05 -1.16 -9.29
C ASP B 74 8.22 -0.51 -8.58
N THR B 75 7.97 0.02 -7.38
CA THR B 75 9.02 0.72 -6.64
C THR B 75 10.20 -0.18 -6.29
N PRO B 76 10.02 -1.41 -5.78
CA PRO B 76 11.20 -2.26 -5.53
C PRO B 76 12.01 -2.56 -6.77
N LYS B 77 11.36 -2.70 -7.93
CA LYS B 77 12.06 -2.95 -9.19
C LYS B 77 12.53 -1.67 -9.86
N ARG B 78 12.23 -0.50 -9.28
CA ARG B 78 12.61 0.79 -9.84
C ARG B 78 12.10 0.92 -11.28
N GLN B 79 10.90 0.41 -11.53
CA GLN B 79 10.34 0.34 -12.86
C GLN B 79 8.94 0.92 -12.89
N PHE B 80 8.66 1.72 -13.91
CA PHE B 80 7.31 2.17 -14.21
C PHE B 80 6.95 1.72 -15.62
N SER B 81 5.79 1.06 -15.74
CA SER B 81 5.40 0.42 -16.98
C SER B 81 4.28 1.20 -17.66
N LEU B 82 4.25 1.11 -18.99
CA LEU B 82 3.21 1.74 -19.79
C LEU B 82 2.58 0.68 -20.69
N ARG B 83 1.25 0.64 -20.70
CA ARG B 83 0.51 -0.30 -21.53
C ARG B 83 -0.49 0.47 -22.38
N LEU B 84 -0.42 0.29 -23.70
CA LEU B 84 -1.29 0.96 -24.65
C LEU B 84 -2.09 -0.10 -25.41
N SER B 85 -3.39 -0.13 -25.17
CA SER B 85 -4.28 -1.11 -25.80
C SER B 85 -4.94 -0.52 -27.03
N SER B 86 -5.42 -1.41 -27.89
CA SER B 86 -6.07 -1.07 -29.16
C SER B 86 -5.16 -0.15 -30.00
N VAL B 87 -3.99 -0.69 -30.35
CA VAL B 87 -3.01 0.08 -31.09
C VAL B 87 -3.49 0.30 -32.52
N THR B 88 -2.99 1.37 -33.14
CA THR B 88 -3.30 1.72 -34.51
C THR B 88 -2.01 2.08 -35.22
N ALA B 89 -2.02 1.99 -36.56
CA ALA B 89 -0.83 2.32 -37.34
C ALA B 89 -0.37 3.74 -37.08
N ALA B 90 -1.27 4.63 -36.67
CA ALA B 90 -0.90 5.99 -36.29
C ALA B 90 -0.14 6.04 -34.97
N ASP B 91 -0.12 4.96 -34.19
CA ASP B 91 0.60 4.94 -32.93
C ASP B 91 2.07 4.61 -33.09
N THR B 92 2.53 4.38 -34.32
CA THR B 92 3.96 4.15 -34.56
C THR B 92 4.75 5.37 -34.14
N ALA B 93 5.62 5.21 -33.14
CA ALA B 93 6.39 6.32 -32.61
C ALA B 93 7.58 5.77 -31.82
N VAL B 94 8.52 6.66 -31.54
CA VAL B 94 9.65 6.36 -30.67
C VAL B 94 9.27 6.77 -29.25
N TYR B 95 9.21 5.80 -28.35
CA TYR B 95 8.71 6.03 -27.01
C TYR B 95 9.86 6.33 -26.06
N TYR B 96 9.81 7.50 -25.42
CA TYR B 96 10.80 7.91 -24.44
C TYR B 96 10.25 7.76 -23.02
N CYS B 97 11.16 7.73 -22.06
CA CYS B 97 10.83 7.75 -20.65
C CYS B 97 11.61 8.88 -20.00
N ALA B 98 10.93 9.72 -19.22
CA ALA B 98 11.56 10.90 -18.64
C ALA B 98 11.03 11.14 -17.23
N ARG B 99 11.90 11.70 -16.40
CA ARG B 99 11.52 12.09 -15.05
C ARG B 99 10.73 13.38 -15.09
N TYR B 100 9.67 13.44 -14.29
CA TYR B 100 8.71 14.53 -14.30
C TYR B 100 8.77 15.24 -12.95
N VAL B 101 9.22 16.49 -12.95
CA VAL B 101 9.41 17.26 -11.72
C VAL B 101 8.17 18.09 -11.46
N ASP B 102 7.73 18.12 -10.20
CA ASP B 102 6.51 18.81 -9.80
C ASP B 102 6.79 20.09 -9.01
N TYR B 103 7.99 20.65 -9.14
CA TYR B 103 8.31 21.89 -8.44
C TYR B 103 7.66 23.08 -9.14
N VAL B 104 7.60 24.21 -8.41
CA VAL B 104 7.07 25.42 -9.01
C VAL B 104 8.03 25.99 -10.05
N TRP B 105 9.34 25.92 -9.76
CA TRP B 105 10.35 26.46 -10.67
C TRP B 105 10.78 25.45 -11.73
N LEU B 106 10.80 24.17 -11.40
CA LEU B 106 11.09 23.11 -12.37
C LEU B 106 9.78 22.43 -12.74
N ARG B 107 9.39 22.56 -14.01
CA ARG B 107 8.16 21.98 -14.52
C ARG B 107 8.43 21.32 -15.87
N ALA B 108 9.50 20.54 -15.95
CA ALA B 108 9.97 19.99 -17.21
C ALA B 108 10.44 18.56 -17.00
N PHE B 109 10.79 17.90 -18.11
CA PHE B 109 11.39 16.58 -18.09
C PHE B 109 12.90 16.77 -18.08
N ASP B 110 13.52 16.63 -16.91
CA ASP B 110 14.93 16.97 -16.77
C ASP B 110 15.83 15.96 -17.47
N ILE B 111 15.54 14.66 -17.30
CA ILE B 111 16.36 13.60 -17.87
C ILE B 111 15.46 12.70 -18.72
N TRP B 112 15.91 12.40 -19.94
CA TRP B 112 15.16 11.59 -20.88
C TRP B 112 15.86 10.26 -21.13
N GLY B 113 15.10 9.32 -21.69
CA GLY B 113 15.66 8.04 -22.08
C GLY B 113 16.24 8.06 -23.48
N GLN B 114 16.87 6.95 -23.86
CA GLN B 114 17.49 6.84 -25.18
C GLN B 114 16.44 6.86 -26.28
N GLY B 115 15.33 6.17 -26.08
CA GLY B 115 14.29 6.10 -27.09
C GLY B 115 14.24 4.77 -27.79
N THR B 116 13.15 4.03 -27.60
CA THR B 116 12.97 2.71 -28.20
C THR B 116 12.02 2.82 -29.39
N ARG B 117 12.47 2.33 -30.54
CA ARG B 117 11.66 2.36 -31.76
C ARG B 117 10.62 1.24 -31.67
N VAL B 118 9.37 1.62 -31.45
CA VAL B 118 8.25 0.68 -31.38
C VAL B 118 7.34 0.96 -32.56
N THR B 119 7.19 -0.03 -33.44
CA THR B 119 6.34 0.08 -34.61
C THR B 119 5.28 -1.03 -34.57
N VAL B 120 4.07 -0.69 -34.97
CA VAL B 120 2.94 -1.61 -34.95
C VAL B 120 2.57 -1.94 -36.40
N SER B 121 2.55 -3.22 -36.72
CA SER B 121 2.21 -3.72 -38.05
C SER B 121 2.08 -5.23 -37.98
N SER B 122 1.22 -5.77 -38.85
CA SER B 122 1.03 -7.21 -38.93
C SER B 122 2.00 -7.89 -39.89
N ALA B 123 2.82 -7.12 -40.60
CA ALA B 123 3.77 -7.70 -41.53
C ALA B 123 4.94 -8.34 -40.78
N SER B 124 5.29 -9.56 -41.16
CA SER B 124 6.40 -10.26 -40.55
C SER B 124 7.73 -9.72 -41.08
N THR B 125 8.81 -10.09 -40.41
CA THR B 125 10.13 -9.66 -40.81
C THR B 125 10.51 -10.27 -42.15
N LYS B 126 11.07 -9.45 -43.04
CA LYS B 126 11.46 -9.88 -44.37
C LYS B 126 12.81 -9.27 -44.73
N GLY B 127 13.64 -10.06 -45.40
CA GLY B 127 14.94 -9.59 -45.84
C GLY B 127 14.83 -8.64 -47.01
N PRO B 128 15.62 -7.57 -46.98
CA PRO B 128 15.57 -6.58 -48.07
C PRO B 128 16.10 -7.15 -49.37
N SER B 129 15.58 -6.61 -50.47
CA SER B 129 16.05 -6.94 -51.81
C SER B 129 16.71 -5.71 -52.42
N VAL B 130 17.95 -5.86 -52.87
CA VAL B 130 18.77 -4.76 -53.36
C VAL B 130 18.83 -4.83 -54.89
N PHE B 131 18.52 -3.71 -55.54
CA PHE B 131 18.59 -3.60 -56.98
C PHE B 131 19.39 -2.36 -57.33
N PRO B 132 20.35 -2.45 -58.26
CA PRO B 132 21.21 -1.30 -58.55
C PRO B 132 20.50 -0.25 -59.40
N LEU B 133 21.07 0.95 -59.39
CA LEU B 133 20.62 2.06 -60.21
C LEU B 133 21.72 2.37 -61.23
N ALA B 134 21.41 2.16 -62.50
CA ALA B 134 22.43 2.31 -63.55
C ALA B 134 22.85 3.77 -63.67
N PRO B 135 24.16 4.07 -63.60
CA PRO B 135 24.68 5.43 -63.70
C PRO B 135 24.60 6.02 -65.11
N GLY B 143 32.17 15.22 -66.68
CA GLY B 143 31.00 15.72 -65.99
C GLY B 143 30.78 15.07 -64.63
N THR B 144 29.51 14.94 -64.25
CA THR B 144 29.14 14.34 -62.97
C THR B 144 28.13 13.22 -63.23
N ALA B 145 28.38 12.05 -62.65
CA ALA B 145 27.51 10.89 -62.80
C ALA B 145 26.93 10.51 -61.45
N ALA B 146 25.69 10.01 -61.48
CA ALA B 146 24.97 9.61 -60.28
C ALA B 146 24.63 8.12 -60.35
N LEU B 147 24.93 7.41 -59.27
CA LEU B 147 24.63 5.98 -59.17
C LEU B 147 24.21 5.68 -57.74
N GLY B 148 23.47 4.59 -57.57
CA GLY B 148 23.01 4.25 -56.25
C GLY B 148 22.41 2.85 -56.20
N CYS B 149 21.87 2.52 -55.03
CA CYS B 149 21.25 1.22 -54.78
C CYS B 149 19.84 1.44 -54.26
N LEU B 150 18.96 0.48 -54.54
CA LEU B 150 17.58 0.51 -54.10
C LEU B 150 17.32 -0.62 -53.11
N VAL B 151 16.82 -0.27 -51.94
CA VAL B 151 16.48 -1.24 -50.90
C VAL B 151 14.96 -1.25 -50.76
N LYS B 152 14.37 -2.44 -50.88
CA LYS B 152 12.92 -2.56 -50.90
C LYS B 152 12.51 -3.88 -50.26
N ASP B 153 11.25 -3.93 -49.81
CA ASP B 153 10.62 -5.13 -49.28
C ASP B 153 11.38 -5.65 -48.05
N TYR B 154 11.38 -4.84 -47.00
CA TYR B 154 11.99 -5.24 -45.73
C TYR B 154 11.18 -4.65 -44.58
N PHE B 155 11.33 -5.28 -43.41
CA PHE B 155 10.62 -4.89 -42.20
C PHE B 155 11.25 -5.58 -40.99
N PRO B 156 11.50 -4.85 -39.88
CA PRO B 156 11.28 -3.42 -39.63
C PRO B 156 12.36 -2.57 -40.28
N GLU B 157 12.57 -1.32 -39.82
CA GLU B 157 13.44 -0.38 -40.51
C GLU B 157 14.64 0.05 -39.66
N PRO B 158 15.50 -0.89 -39.21
CA PRO B 158 16.91 -0.53 -39.05
C PRO B 158 17.70 -0.89 -40.30
N VAL B 159 18.39 0.07 -40.90
CA VAL B 159 19.12 -0.16 -42.14
C VAL B 159 20.34 0.77 -42.17
N THR B 160 21.50 0.18 -42.46
CA THR B 160 22.71 0.95 -42.71
C THR B 160 23.22 0.63 -44.11
N VAL B 161 23.59 1.67 -44.85
CA VAL B 161 24.10 1.54 -46.21
C VAL B 161 25.47 2.20 -46.26
N SER B 162 26.46 1.43 -46.70
CA SER B 162 27.83 1.92 -46.85
C SER B 162 28.34 1.55 -48.24
N TRP B 163 29.19 2.41 -48.78
CA TRP B 163 29.73 2.24 -50.13
C TRP B 163 31.20 1.86 -50.04
N ASN B 164 31.58 0.80 -50.76
CA ASN B 164 32.96 0.31 -50.78
C ASN B 164 33.47 0.02 -49.36
N SER B 165 32.61 -0.59 -48.55
CA SER B 165 32.91 -0.90 -47.15
C SER B 165 33.31 0.36 -46.38
N GLY B 166 32.62 1.47 -46.67
CA GLY B 166 32.87 2.73 -46.00
C GLY B 166 33.95 3.59 -46.63
N ALA B 167 34.64 3.10 -47.67
CA ALA B 167 35.67 3.90 -48.31
C ALA B 167 35.09 5.14 -48.98
N LEU B 168 33.93 4.99 -49.62
CA LEU B 168 33.28 6.10 -50.31
C LEU B 168 32.33 6.78 -49.34
N THR B 169 32.72 7.97 -48.86
CA THR B 169 31.92 8.74 -47.92
C THR B 169 31.64 10.16 -48.39
N SER B 170 32.13 10.55 -49.56
CA SER B 170 31.93 11.89 -50.09
C SER B 170 30.75 11.90 -51.06
N GLY B 171 29.84 12.84 -50.87
CA GLY B 171 28.68 12.95 -51.74
C GLY B 171 27.75 11.76 -51.68
N VAL B 172 27.52 11.22 -50.49
CA VAL B 172 26.66 10.07 -50.28
C VAL B 172 25.40 10.54 -49.55
N HIS B 173 24.24 10.20 -50.10
CA HIS B 173 22.95 10.59 -49.52
C HIS B 173 22.12 9.34 -49.32
N THR B 174 21.89 8.97 -48.05
CA THR B 174 21.05 7.83 -47.69
C THR B 174 19.70 8.39 -47.26
N PHE B 175 18.71 8.26 -48.13
CA PHE B 175 17.39 8.85 -47.91
C PHE B 175 16.60 8.02 -46.90
N PRO B 176 15.83 8.67 -46.03
CA PRO B 176 14.94 7.92 -45.12
C PRO B 176 13.92 7.10 -45.91
N ALA B 177 13.60 5.93 -45.35
CA ALA B 177 12.68 5.02 -46.02
C ALA B 177 11.24 5.52 -45.91
N VAL B 178 10.39 5.00 -46.80
CA VAL B 178 8.97 5.31 -46.83
C VAL B 178 8.19 4.00 -46.77
N LEU B 179 7.19 3.94 -45.89
CA LEU B 179 6.40 2.74 -45.72
C LEU B 179 5.45 2.58 -46.89
N GLN B 180 5.59 1.48 -47.62
CA GLN B 180 4.73 1.20 -48.76
C GLN B 180 3.36 0.68 -48.30
N SER B 181 2.43 0.62 -49.24
CA SER B 181 1.08 0.13 -48.92
C SER B 181 1.08 -1.36 -48.55
N SER B 182 2.13 -2.09 -48.90
CA SER B 182 2.22 -3.51 -48.59
C SER B 182 2.77 -3.78 -47.19
N GLY B 183 3.11 -2.73 -46.45
CA GLY B 183 3.67 -2.88 -45.12
C GLY B 183 5.16 -3.10 -45.06
N LEU B 184 5.86 -2.99 -46.19
CA LEU B 184 7.30 -3.17 -46.25
C LEU B 184 7.96 -1.85 -46.60
N TYR B 185 9.00 -1.49 -45.85
CA TYR B 185 9.69 -0.23 -46.07
C TYR B 185 10.55 -0.30 -47.34
N SER B 186 10.93 0.87 -47.83
CA SER B 186 11.76 0.96 -49.03
C SER B 186 12.49 2.30 -49.02
N LEU B 187 13.77 2.26 -49.37
CA LEU B 187 14.60 3.46 -49.42
C LEU B 187 15.59 3.34 -50.58
N SER B 188 16.28 4.45 -50.85
CA SER B 188 17.31 4.50 -51.87
C SER B 188 18.50 5.28 -51.33
N SER B 189 19.70 4.76 -51.59
CA SER B 189 20.94 5.42 -51.21
C SER B 189 21.80 5.58 -52.45
N VAL B 190 22.20 6.82 -52.74
CA VAL B 190 22.94 7.14 -53.96
C VAL B 190 24.17 7.97 -53.61
N VAL B 191 25.16 7.92 -54.50
CA VAL B 191 26.39 8.69 -54.35
C VAL B 191 26.77 9.24 -55.72
N THR B 192 27.19 10.50 -55.75
CA THR B 192 27.60 11.17 -56.97
C THR B 192 29.12 11.06 -57.13
N VAL B 193 29.56 10.58 -58.29
CA VAL B 193 30.98 10.41 -58.57
C VAL B 193 31.28 11.00 -59.93
N PRO B 194 32.54 11.37 -60.18
CA PRO B 194 32.90 11.86 -61.52
C PRO B 194 32.58 10.84 -62.59
N SER B 195 32.12 11.34 -63.75
CA SER B 195 31.75 10.45 -64.85
C SER B 195 32.95 9.70 -65.40
N SER B 196 34.15 10.26 -65.27
CA SER B 196 35.34 9.60 -65.78
C SER B 196 35.73 8.37 -64.97
N SER B 197 35.20 8.24 -63.75
CA SER B 197 35.52 7.11 -62.87
C SER B 197 34.42 6.06 -62.85
N LEU B 198 33.49 6.10 -63.80
CA LEU B 198 32.39 5.14 -63.81
C LEU B 198 32.88 3.72 -64.03
N GLY B 199 33.82 3.53 -64.96
CA GLY B 199 34.29 2.20 -65.29
C GLY B 199 35.57 1.82 -64.59
N THR B 200 36.44 2.80 -64.33
CA THR B 200 37.72 2.51 -63.71
C THR B 200 37.55 2.07 -62.26
N GLN B 201 36.62 2.68 -61.53
CA GLN B 201 36.40 2.40 -60.11
C GLN B 201 35.15 1.56 -59.94
N THR B 202 35.26 0.51 -59.13
CA THR B 202 34.13 -0.36 -58.83
C THR B 202 33.42 0.16 -57.58
N TYR B 203 32.12 0.44 -57.70
CA TYR B 203 31.32 0.96 -56.61
C TYR B 203 30.41 -0.14 -56.10
N ILE B 204 30.56 -0.51 -54.83
CA ILE B 204 29.78 -1.56 -54.19
C ILE B 204 29.10 -0.96 -52.97
N CYS B 205 27.77 -1.14 -52.88
CA CYS B 205 27.00 -0.67 -51.74
C CYS B 205 26.77 -1.85 -50.79
N ASN B 206 26.98 -1.61 -49.50
CA ASN B 206 26.82 -2.63 -48.47
C ASN B 206 25.60 -2.28 -47.63
N VAL B 207 24.56 -3.10 -47.75
CA VAL B 207 23.32 -2.92 -47.00
C VAL B 207 23.20 -4.05 -45.98
N ASN B 208 22.97 -3.69 -44.73
CA ASN B 208 22.84 -4.67 -43.65
C ASN B 208 21.48 -4.51 -42.99
N HIS B 209 20.81 -5.64 -42.74
CA HIS B 209 19.51 -5.67 -42.08
C HIS B 209 19.65 -6.53 -40.82
N LYS B 210 19.71 -5.88 -39.67
CA LYS B 210 19.93 -6.61 -38.41
C LYS B 210 18.81 -7.60 -38.09
N PRO B 211 17.52 -7.24 -38.14
CA PRO B 211 16.49 -8.22 -37.75
C PRO B 211 16.48 -9.46 -38.62
N SER B 212 16.77 -9.33 -39.91
CA SER B 212 16.80 -10.48 -40.81
C SER B 212 18.16 -11.16 -40.86
N ASN B 213 19.17 -10.58 -40.22
CA ASN B 213 20.54 -11.12 -40.21
C ASN B 213 21.05 -11.32 -41.64
N THR B 214 20.68 -10.39 -42.52
CA THR B 214 21.06 -10.46 -43.92
C THR B 214 21.81 -9.19 -44.30
N LYS B 215 23.01 -9.36 -44.86
CA LYS B 215 23.79 -8.25 -45.38
C LYS B 215 24.16 -8.57 -46.83
N VAL B 216 23.81 -7.66 -47.74
CA VAL B 216 23.96 -7.88 -49.17
C VAL B 216 24.87 -6.81 -49.75
N ASP B 217 25.87 -7.24 -50.51
CA ASP B 217 26.75 -6.32 -51.22
C ASP B 217 26.36 -6.30 -52.69
N LYS B 218 26.04 -5.11 -53.20
CA LYS B 218 25.61 -4.93 -54.58
C LYS B 218 26.58 -4.01 -55.29
N LYS B 219 27.06 -4.44 -56.45
CA LYS B 219 27.97 -3.65 -57.27
C LYS B 219 27.18 -2.92 -58.35
N VAL B 220 27.41 -1.62 -58.48
CA VAL B 220 26.73 -0.77 -59.45
C VAL B 220 27.62 -0.65 -60.68
N GLU B 221 27.06 -0.99 -61.85
CA GLU B 221 27.78 -0.95 -63.10
C GLU B 221 26.94 -0.24 -64.16
N PRO B 222 27.58 0.37 -65.15
CA PRO B 222 26.83 1.00 -66.24
C PRO B 222 25.97 -0.01 -66.99
N LYS B 223 24.80 0.43 -67.43
CA LYS B 223 23.87 -0.42 -68.15
C LYS B 223 24.40 -0.76 -69.54
N VAL C 2 -25.14 3.21 23.39
CA VAL C 2 -23.90 3.37 24.16
C VAL C 2 -23.66 2.13 25.01
N GLN C 3 -24.69 1.33 25.20
CA GLN C 3 -24.61 0.12 26.03
C GLN C 3 -25.19 -1.07 25.28
N LEU C 4 -24.62 -2.24 25.53
CA LEU C 4 -25.04 -3.48 24.88
C LEU C 4 -25.68 -4.40 25.92
N VAL C 5 -26.82 -4.98 25.56
CA VAL C 5 -27.56 -5.89 26.43
C VAL C 5 -27.58 -7.27 25.77
N GLU C 6 -27.20 -8.29 26.53
CA GLU C 6 -27.10 -9.65 26.02
C GLU C 6 -28.07 -10.56 26.75
N SER C 7 -28.58 -11.55 26.02
CA SER C 7 -29.56 -12.49 26.58
C SER C 7 -29.45 -13.81 25.85
N GLY C 8 -30.02 -14.85 26.45
CA GLY C 8 -30.01 -16.18 25.88
C GLY C 8 -29.06 -17.16 26.52
N GLY C 9 -28.38 -16.76 27.60
CA GLY C 9 -27.49 -17.69 28.28
C GLY C 9 -28.25 -18.74 29.06
N GLY C 10 -27.54 -19.81 29.41
CA GLY C 10 -28.15 -20.89 30.16
C GLY C 10 -27.27 -22.13 30.16
N VAL C 11 -27.88 -23.26 30.48
CA VAL C 11 -27.21 -24.55 30.53
C VAL C 11 -27.74 -25.40 29.38
N VAL C 12 -26.83 -25.93 28.57
CA VAL C 12 -27.19 -26.74 27.40
C VAL C 12 -26.38 -28.02 27.44
N GLN C 13 -27.05 -29.13 27.14
CA GLN C 13 -26.35 -30.42 27.08
C GLN C 13 -25.42 -30.45 25.87
N PRO C 14 -24.31 -31.18 25.97
CA PRO C 14 -23.37 -31.26 24.84
C PRO C 14 -24.04 -31.82 23.59
N GLY C 15 -23.68 -31.25 22.44
CA GLY C 15 -24.26 -31.65 21.18
C GLY C 15 -25.55 -30.94 20.81
N ARG C 16 -26.11 -30.14 21.71
CA ARG C 16 -27.33 -29.39 21.44
C ARG C 16 -26.97 -28.04 20.84
N SER C 17 -27.97 -27.18 20.66
CA SER C 17 -27.78 -25.87 20.07
C SER C 17 -28.38 -24.79 20.95
N LEU C 18 -27.70 -23.65 21.04
CA LEU C 18 -28.18 -22.51 21.79
C LEU C 18 -27.90 -21.24 20.99
N ARG C 19 -28.85 -20.31 20.99
CA ARG C 19 -28.74 -19.07 20.24
C ARG C 19 -28.68 -17.89 21.20
N LEU C 20 -27.67 -17.05 21.03
CA LEU C 20 -27.48 -15.87 21.86
C LEU C 20 -27.96 -14.62 21.12
N SER C 21 -28.33 -13.60 21.90
CA SER C 21 -28.79 -12.34 21.35
C SER C 21 -28.09 -11.19 22.07
N CYS C 22 -27.87 -10.10 21.33
CA CYS C 22 -27.21 -8.92 21.88
C CYS C 22 -27.84 -7.69 21.24
N VAL C 23 -28.63 -6.95 22.03
CA VAL C 23 -29.36 -5.78 21.54
C VAL C 23 -28.55 -4.54 21.83
N GLY C 24 -28.41 -3.67 20.84
CA GLY C 24 -27.67 -2.42 20.98
C GLY C 24 -28.63 -1.24 21.03
N SER C 25 -28.28 -0.24 21.83
CA SER C 25 -29.09 0.96 21.97
C SER C 25 -28.20 2.14 22.31
N GLY C 26 -28.71 3.34 22.04
CA GLY C 26 -27.95 4.55 22.28
C GLY C 26 -26.93 4.89 21.20
N PHE C 27 -26.90 4.13 20.11
CA PHE C 27 -25.95 4.38 19.03
C PHE C 27 -26.49 3.73 17.77
N THR C 28 -25.89 4.09 16.64
CA THR C 28 -26.28 3.54 15.34
C THR C 28 -25.71 2.12 15.22
N PHE C 29 -26.59 1.12 15.30
CA PHE C 29 -26.14 -0.27 15.27
C PHE C 29 -25.52 -0.63 13.92
N ARG C 30 -26.09 -0.13 12.83
CA ARG C 30 -25.67 -0.54 11.50
C ARG C 30 -24.34 0.09 11.08
N ARG C 31 -23.93 1.18 11.73
CA ARG C 31 -22.72 1.89 11.30
C ARG C 31 -21.43 1.17 11.67
N ASP C 32 -21.48 0.23 12.61
CA ASP C 32 -20.29 -0.45 13.07
C ASP C 32 -20.47 -1.96 12.98
N ALA C 33 -19.34 -2.66 12.89
CA ALA C 33 -19.36 -4.11 12.90
C ALA C 33 -19.62 -4.63 14.32
N LYS C 34 -19.93 -5.92 14.42
CA LYS C 34 -20.22 -6.57 15.69
C LYS C 34 -19.33 -7.80 15.84
N TYR C 35 -19.01 -8.11 17.10
CA TYR C 35 -18.10 -9.22 17.41
C TYR C 35 -18.63 -9.97 18.62
N TRP C 36 -18.14 -11.20 18.78
CA TRP C 36 -18.45 -12.01 19.95
C TRP C 36 -17.14 -12.49 20.56
N VAL C 37 -16.97 -12.24 21.86
CA VAL C 37 -15.77 -12.64 22.59
C VAL C 37 -16.20 -13.38 23.84
N ARG C 38 -15.64 -14.57 24.05
CA ARG C 38 -15.96 -15.40 25.21
C ARG C 38 -14.79 -15.45 26.18
N GLN C 39 -15.09 -15.85 27.41
CA GLN C 39 -14.09 -15.96 28.47
C GLN C 39 -14.41 -17.17 29.33
N ALA C 40 -13.58 -18.20 29.25
CA ALA C 40 -13.74 -19.36 30.11
C ALA C 40 -13.43 -18.99 31.56
N PRO C 41 -14.03 -19.67 32.53
CA PRO C 41 -13.73 -19.37 33.93
C PRO C 41 -12.25 -19.57 34.24
N GLY C 42 -11.65 -18.57 34.87
CA GLY C 42 -10.22 -18.60 35.13
C GLY C 42 -9.37 -18.65 33.88
N LYS C 43 -9.76 -17.89 32.85
CA LYS C 43 -9.06 -17.90 31.58
C LYS C 43 -9.20 -16.53 30.94
N GLY C 44 -8.28 -16.23 30.01
CA GLY C 44 -8.31 -14.97 29.31
C GLY C 44 -9.38 -14.92 28.23
N LEU C 45 -9.55 -13.73 27.66
CA LEU C 45 -10.52 -13.54 26.60
C LEU C 45 -10.06 -14.18 25.30
N GLU C 46 -11.01 -14.61 24.49
CA GLU C 46 -10.73 -15.22 23.19
C GLU C 46 -11.80 -14.80 22.21
N TRP C 47 -11.38 -14.32 21.04
CA TRP C 47 -12.32 -13.96 19.99
C TRP C 47 -12.91 -15.23 19.37
N VAL C 48 -14.21 -15.20 19.10
CA VAL C 48 -14.92 -16.37 18.60
C VAL C 48 -15.48 -16.09 17.21
N ALA C 49 -16.35 -15.10 17.09
CA ALA C 49 -17.02 -14.81 15.84
C ALA C 49 -17.01 -13.30 15.59
N ALA C 50 -17.07 -12.94 14.31
CA ALA C 50 -17.12 -11.55 13.89
C ALA C 50 -18.03 -11.42 12.69
N ILE C 51 -18.84 -10.35 12.68
CA ILE C 51 -19.70 -10.03 11.55
C ILE C 51 -19.45 -8.58 11.16
N SER C 52 -19.51 -8.32 9.85
CA SER C 52 -19.23 -6.98 9.35
C SER C 52 -20.34 -6.01 9.76
N HIS C 53 -20.15 -4.74 9.40
CA HIS C 53 -21.15 -3.73 9.70
C HIS C 53 -22.49 -4.03 9.06
N ASP C 54 -22.50 -4.80 7.98
CA ASP C 54 -23.71 -5.12 7.24
C ASP C 54 -23.97 -6.61 7.12
N GLY C 55 -23.10 -7.45 7.69
CA GLY C 55 -23.23 -8.88 7.52
C GLY C 55 -22.62 -9.43 6.26
N GLY C 56 -21.90 -8.60 5.50
CA GLY C 56 -21.33 -9.07 4.23
C GLY C 56 -20.30 -10.16 4.41
N GLU C 57 -19.38 -9.98 5.36
CA GLU C 57 -18.30 -10.93 5.60
C GLU C 57 -18.36 -11.41 7.04
N GLU C 58 -18.30 -12.73 7.22
CA GLU C 58 -18.31 -13.36 8.54
C GLU C 58 -17.03 -14.17 8.71
N ASP C 59 -16.32 -13.95 9.81
CA ASP C 59 -15.10 -14.68 10.11
C ASP C 59 -15.19 -15.28 11.49
N TYR C 60 -14.63 -16.47 11.65
CA TYR C 60 -14.66 -17.20 12.91
C TYR C 60 -13.26 -17.72 13.24
N ALA C 61 -13.03 -17.91 14.53
CA ALA C 61 -11.77 -18.52 14.96
C ALA C 61 -11.78 -20.02 14.66
N GLU C 62 -10.57 -20.60 14.59
CA GLU C 62 -10.45 -22.02 14.32
C GLU C 62 -11.00 -22.89 15.45
N SER C 63 -11.21 -22.30 16.63
CA SER C 63 -11.74 -23.08 17.75
C SER C 63 -13.20 -23.47 17.53
N VAL C 64 -13.94 -22.70 16.74
CA VAL C 64 -15.35 -22.94 16.49
C VAL C 64 -15.60 -23.43 15.07
N LYS C 65 -14.84 -22.92 14.09
CA LYS C 65 -14.97 -23.29 12.69
C LYS C 65 -16.40 -23.02 12.25
N GLY C 66 -17.06 -23.93 11.55
CA GLY C 66 -18.43 -23.75 11.11
C GLY C 66 -19.50 -24.17 12.10
N ARG C 67 -19.10 -24.56 13.31
CA ARG C 67 -20.09 -24.96 14.32
C ARG C 67 -20.90 -23.76 14.80
N PHE C 68 -20.32 -22.57 14.80
CA PHE C 68 -20.98 -21.36 15.25
C PHE C 68 -21.33 -20.48 14.05
N THR C 69 -22.51 -19.87 14.11
CA THR C 69 -22.98 -18.97 13.05
C THR C 69 -23.35 -17.64 13.68
N ILE C 70 -22.84 -16.56 13.09
CA ILE C 70 -23.10 -15.20 13.58
C ILE C 70 -24.00 -14.49 12.57
N SER C 71 -25.01 -13.80 13.08
CA SER C 71 -25.96 -13.08 12.25
C SER C 71 -26.42 -11.83 13.00
N ARG C 72 -26.94 -10.87 12.24
CA ARG C 72 -27.40 -9.61 12.82
C ARG C 72 -28.69 -9.17 12.14
N ASP C 73 -29.45 -8.37 12.87
CA ASP C 73 -30.68 -7.76 12.36
C ASP C 73 -30.60 -6.27 12.69
N ASN C 74 -30.16 -5.47 11.72
CA ASN C 74 -29.99 -4.04 11.96
C ASN C 74 -31.29 -3.35 12.35
N SER C 75 -32.42 -3.85 11.84
CA SER C 75 -33.70 -3.28 12.22
C SER C 75 -33.95 -3.43 13.72
N ARG C 76 -33.57 -4.59 14.28
CA ARG C 76 -33.74 -4.82 15.70
C ARG C 76 -32.53 -4.39 16.52
N GLU C 77 -31.48 -3.88 15.86
CA GLU C 77 -30.24 -3.50 16.55
C GLU C 77 -29.72 -4.66 17.39
N THR C 78 -29.83 -5.87 16.84
CA THR C 78 -29.50 -7.09 17.55
C THR C 78 -28.57 -7.94 16.69
N VAL C 79 -27.51 -8.46 17.30
CA VAL C 79 -26.58 -9.37 16.65
C VAL C 79 -26.70 -10.73 17.33
N TYR C 80 -26.89 -11.78 16.53
CA TYR C 80 -27.10 -13.12 17.06
C TYR C 80 -25.84 -13.96 16.91
N LEU C 81 -25.81 -15.07 17.64
CA LEU C 81 -24.70 -16.03 17.57
C LEU C 81 -25.31 -17.42 17.73
N GLU C 82 -25.57 -18.09 16.61
CA GLU C 82 -26.16 -19.42 16.63
C GLU C 82 -25.06 -20.44 16.86
N MET C 83 -25.10 -21.10 18.02
CA MET C 83 -24.10 -22.09 18.40
C MET C 83 -24.65 -23.48 18.17
N ASN C 84 -23.94 -24.28 17.39
CA ASN C 84 -24.36 -25.64 17.06
C ASN C 84 -23.22 -26.60 17.37
N SER C 85 -23.58 -27.85 17.67
CA SER C 85 -22.62 -28.88 18.05
C SER C 85 -21.75 -28.43 19.22
N LEU C 86 -22.43 -28.02 20.29
CA LEU C 86 -21.73 -27.46 21.45
C LEU C 86 -20.88 -28.53 22.12
N ARG C 87 -19.70 -28.11 22.58
CA ARG C 87 -18.72 -28.97 23.21
C ARG C 87 -18.43 -28.50 24.63
N PRO C 88 -17.92 -29.38 25.49
CA PRO C 88 -17.61 -28.95 26.87
C PRO C 88 -16.62 -27.79 26.95
N GLU C 89 -15.72 -27.67 25.97
CA GLU C 89 -14.77 -26.57 25.97
C GLU C 89 -15.42 -25.23 25.64
N ASP C 90 -16.67 -25.23 25.16
CA ASP C 90 -17.37 -23.99 24.85
C ASP C 90 -17.97 -23.31 26.08
N THR C 91 -17.88 -23.95 27.26
CA THR C 91 -18.44 -23.37 28.48
C THR C 91 -17.66 -22.12 28.84
N ALA C 92 -18.28 -20.96 28.63
CA ALA C 92 -17.63 -19.68 28.89
C ALA C 92 -18.69 -18.59 28.94
N VAL C 93 -18.29 -17.43 29.45
CA VAL C 93 -19.13 -16.25 29.45
C VAL C 93 -18.88 -15.50 28.15
N TYR C 94 -19.95 -15.27 27.38
CA TYR C 94 -19.84 -14.70 26.05
C TYR C 94 -20.20 -13.23 26.08
N TYR C 95 -19.37 -12.40 25.45
CA TYR C 95 -19.58 -10.97 25.35
C TYR C 95 -19.79 -10.58 23.90
N CYS C 96 -20.55 -9.51 23.70
CA CYS C 96 -20.74 -8.91 22.38
C CYS C 96 -20.14 -7.51 22.39
N ALA C 97 -19.46 -7.16 21.29
CA ALA C 97 -18.70 -5.92 21.23
C ALA C 97 -18.96 -5.20 19.90
N THR C 98 -18.89 -3.87 19.95
CA THR C 98 -18.96 -3.02 18.78
C THR C 98 -17.63 -2.31 18.56
N THR C 99 -17.44 -1.81 17.35
CA THR C 99 -16.18 -1.16 17.01
C THR C 99 -16.39 -0.21 15.84
N ARG C 100 -16.04 1.07 16.03
CA ARG C 100 -16.23 2.06 14.99
C ARG C 100 -15.25 1.85 13.84
N SER C 101 -13.97 1.64 14.15
CA SER C 101 -12.92 1.58 13.14
C SER C 101 -12.68 0.18 12.60
N GLY C 102 -13.36 -0.83 13.15
CA GLY C 102 -13.16 -2.20 12.71
C GLY C 102 -11.95 -2.90 13.26
N TRP C 103 -11.29 -2.35 14.28
CA TRP C 103 -10.05 -2.92 14.80
C TRP C 103 -10.13 -3.35 16.25
N TYR C 104 -10.62 -2.50 17.15
CA TYR C 104 -10.54 -2.74 18.58
C TYR C 104 -11.93 -2.71 19.20
N PHE C 105 -12.18 -3.62 20.14
CA PHE C 105 -13.49 -3.71 20.78
C PHE C 105 -13.73 -2.52 21.69
N ASP C 106 -14.40 -1.48 21.18
CA ASP C 106 -14.55 -0.24 21.92
C ASP C 106 -15.51 -0.41 23.10
N TYR C 107 -16.65 -1.09 22.88
CA TYR C 107 -17.66 -1.23 23.91
C TYR C 107 -17.98 -2.71 24.10
N TRP C 108 -18.34 -3.07 25.34
CA TRP C 108 -18.62 -4.45 25.71
C TRP C 108 -19.95 -4.53 26.45
N GLY C 109 -20.59 -5.69 26.36
CA GLY C 109 -21.81 -5.94 27.08
C GLY C 109 -21.55 -6.51 28.47
N GLN C 110 -22.64 -6.78 29.19
CA GLN C 110 -22.53 -7.31 30.54
C GLN C 110 -22.17 -8.79 30.57
N GLY C 111 -22.33 -9.49 29.45
CA GLY C 111 -21.94 -10.89 29.37
C GLY C 111 -23.05 -11.87 29.63
N ALA C 112 -23.07 -12.96 28.85
CA ALA C 112 -24.04 -14.03 29.02
C ALA C 112 -23.31 -15.33 29.31
N LEU C 113 -23.71 -16.02 30.37
CA LEU C 113 -23.07 -17.25 30.79
C LEU C 113 -23.68 -18.43 30.05
N VAL C 114 -22.84 -19.19 29.37
CA VAL C 114 -23.25 -20.40 28.65
C VAL C 114 -22.47 -21.57 29.24
N THR C 115 -23.19 -22.60 29.69
CA THR C 115 -22.59 -23.77 30.30
C THR C 115 -22.97 -25.01 29.49
N VAL C 116 -21.97 -25.78 29.10
CA VAL C 116 -22.17 -27.01 28.34
C VAL C 116 -21.84 -28.16 29.28
N SER C 117 -22.88 -28.84 29.78
CA SER C 117 -22.69 -29.96 30.69
C SER C 117 -23.90 -30.88 30.59
N SER C 118 -23.63 -32.19 30.61
CA SER C 118 -24.69 -33.18 30.54
C SER C 118 -25.31 -33.48 31.90
N ALA C 119 -24.76 -32.96 32.98
CA ALA C 119 -25.31 -33.20 34.31
C ALA C 119 -26.66 -32.51 34.46
N SER C 120 -27.53 -33.12 35.26
CA SER C 120 -28.85 -32.58 35.53
C SER C 120 -28.82 -31.71 36.78
N THR C 121 -29.92 -30.98 37.00
CA THR C 121 -30.03 -30.12 38.16
C THR C 121 -30.14 -30.96 39.43
N LYS C 122 -29.32 -30.65 40.43
CA LYS C 122 -29.30 -31.39 41.68
C LYS C 122 -29.06 -30.44 42.83
N GLY C 123 -29.78 -30.65 43.93
CA GLY C 123 -29.64 -29.84 45.11
C GLY C 123 -28.36 -30.11 45.87
N PRO C 124 -27.82 -29.09 46.53
CA PRO C 124 -26.58 -29.26 47.28
C PRO C 124 -26.80 -30.04 48.57
N SER C 125 -25.71 -30.60 49.07
CA SER C 125 -25.67 -31.26 50.38
C SER C 125 -24.76 -30.45 51.29
N VAL C 126 -25.30 -30.02 52.42
CA VAL C 126 -24.59 -29.15 53.35
C VAL C 126 -24.09 -29.99 54.53
N PHE C 127 -22.79 -29.92 54.79
CA PHE C 127 -22.18 -30.66 55.89
C PHE C 127 -21.40 -29.71 56.79
N PRO C 128 -21.49 -29.90 58.11
CA PRO C 128 -20.81 -28.97 59.03
C PRO C 128 -19.31 -29.20 59.06
N LEU C 129 -18.60 -28.18 59.54
CA LEU C 129 -17.16 -28.22 59.75
C LEU C 129 -16.90 -27.77 61.19
N ALA C 130 -16.93 -28.72 62.11
CA ALA C 130 -16.77 -28.38 63.52
C ALA C 130 -15.34 -27.92 63.80
N PRO C 131 -15.15 -26.94 64.69
CA PRO C 131 -13.82 -26.45 65.06
C PRO C 131 -13.03 -27.46 65.88
N GLY C 139 -4.76 -18.97 66.97
CA GLY C 139 -5.16 -17.97 67.95
C GLY C 139 -6.65 -17.97 68.22
N THR C 140 -7.44 -18.17 67.16
CA THR C 140 -8.89 -18.20 67.26
C THR C 140 -9.43 -19.43 66.55
N ALA C 141 -10.59 -19.89 67.00
CA ALA C 141 -11.20 -21.08 66.42
C ALA C 141 -11.72 -20.80 65.02
N ALA C 142 -11.80 -21.85 64.21
CA ALA C 142 -12.26 -21.75 62.83
C ALA C 142 -13.33 -22.82 62.58
N LEU C 143 -14.36 -22.45 61.83
CA LEU C 143 -15.44 -23.36 61.49
C LEU C 143 -16.04 -22.91 60.17
N GLY C 144 -16.82 -23.81 59.56
CA GLY C 144 -17.42 -23.50 58.28
C GLY C 144 -18.47 -24.51 57.89
N CYS C 145 -18.89 -24.41 56.64
CA CYS C 145 -19.88 -25.32 56.04
C CYS C 145 -19.37 -25.79 54.70
N LEU C 146 -19.83 -26.98 54.30
CA LEU C 146 -19.40 -27.61 53.05
C LEU C 146 -20.62 -27.75 52.13
N VAL C 147 -20.57 -27.08 50.99
CA VAL C 147 -21.60 -27.19 49.95
C VAL C 147 -21.02 -28.10 48.86
N LYS C 148 -21.59 -29.30 48.73
CA LYS C 148 -21.01 -30.32 47.87
C LYS C 148 -22.10 -30.92 46.98
N ASP C 149 -21.68 -31.30 45.77
CA ASP C 149 -22.50 -32.06 44.83
C ASP C 149 -23.80 -31.32 44.49
N TYR C 150 -23.65 -30.18 43.84
CA TYR C 150 -24.77 -29.40 43.35
C TYR C 150 -24.51 -28.98 41.91
N PHE C 151 -25.61 -28.78 41.17
CA PHE C 151 -25.53 -28.34 39.79
C PHE C 151 -26.85 -27.69 39.43
N PRO C 152 -26.85 -26.57 38.70
CA PRO C 152 -25.68 -25.82 38.22
C PRO C 152 -25.31 -24.66 39.15
N GLU C 153 -24.35 -23.84 38.72
CA GLU C 153 -23.98 -22.65 39.48
C GLU C 153 -25.08 -21.61 39.41
N PRO C 154 -25.13 -20.67 40.37
CA PRO C 154 -24.29 -20.55 41.58
C PRO C 154 -25.05 -20.85 42.86
N VAL C 155 -24.38 -20.76 44.00
CA VAL C 155 -25.02 -20.87 45.31
C VAL C 155 -24.58 -19.67 46.15
N THR C 156 -25.43 -19.30 47.10
CA THR C 156 -25.18 -18.17 47.98
C THR C 156 -25.11 -18.67 49.43
N VAL C 157 -24.08 -18.27 50.15
CA VAL C 157 -23.86 -18.69 51.52
C VAL C 157 -23.83 -17.46 52.42
N SER C 158 -24.66 -17.48 53.46
CA SER C 158 -24.69 -16.43 54.46
C SER C 158 -24.68 -17.07 55.85
N TRP C 159 -24.10 -16.37 56.81
CA TRP C 159 -23.92 -16.89 58.15
C TRP C 159 -24.81 -16.12 59.12
N ASN C 160 -25.61 -16.85 59.89
CA ASN C 160 -26.50 -16.27 60.89
C ASN C 160 -27.44 -15.23 60.26
N SER C 161 -27.95 -15.56 59.07
CA SER C 161 -28.84 -14.67 58.32
C SER C 161 -28.22 -13.30 58.09
N GLY C 162 -26.94 -13.29 57.74
CA GLY C 162 -26.23 -12.07 57.44
C GLY C 162 -25.61 -11.38 58.64
N ALA C 163 -25.75 -11.94 59.85
CA ALA C 163 -25.14 -11.32 61.02
C ALA C 163 -23.62 -11.33 60.93
N LEU C 164 -23.04 -12.42 60.45
CA LEU C 164 -21.59 -12.57 60.35
C LEU C 164 -21.13 -12.07 58.99
N THR C 165 -20.51 -10.90 58.97
CA THR C 165 -19.95 -10.34 57.75
C THR C 165 -18.44 -10.13 57.81
N SER C 166 -17.83 -10.28 58.99
CA SER C 166 -16.40 -10.09 59.17
C SER C 166 -15.73 -11.44 59.35
N GLY C 167 -14.67 -11.68 58.59
CA GLY C 167 -13.97 -12.95 58.64
C GLY C 167 -14.60 -14.08 57.86
N VAL C 168 -15.64 -13.80 57.10
CA VAL C 168 -16.35 -14.82 56.32
C VAL C 168 -15.66 -14.94 54.96
N HIS C 169 -15.23 -16.15 54.62
CA HIS C 169 -14.58 -16.43 53.34
C HIS C 169 -15.38 -17.50 52.61
N THR C 170 -16.03 -17.12 51.52
CA THR C 170 -16.76 -18.06 50.67
C THR C 170 -15.89 -18.38 49.46
N PHE C 171 -15.36 -19.59 49.43
CA PHE C 171 -14.43 -19.98 48.38
C PHE C 171 -15.17 -20.20 47.07
N PRO C 172 -14.50 -19.94 45.94
CA PRO C 172 -15.12 -20.21 44.63
C PRO C 172 -15.35 -21.70 44.43
N ALA C 173 -16.38 -22.02 43.67
CA ALA C 173 -16.74 -23.41 43.42
C ALA C 173 -15.71 -24.09 42.53
N VAL C 174 -15.53 -25.39 42.76
CA VAL C 174 -14.65 -26.23 41.95
C VAL C 174 -15.50 -27.32 41.30
N LEU C 175 -15.31 -27.52 40.00
CA LEU C 175 -16.07 -28.51 39.26
C LEU C 175 -15.42 -29.88 39.45
N GLN C 176 -16.12 -30.77 40.14
CA GLN C 176 -15.61 -32.11 40.36
C GLN C 176 -15.72 -32.94 39.07
N SER C 177 -15.01 -34.06 39.05
CA SER C 177 -15.04 -34.96 37.90
C SER C 177 -16.43 -35.54 37.66
N SER C 178 -17.26 -35.60 38.70
CA SER C 178 -18.62 -36.10 38.55
C SER C 178 -19.54 -35.12 37.83
N GLY C 179 -19.08 -33.90 37.58
CA GLY C 179 -19.90 -32.89 36.95
C GLY C 179 -20.68 -32.01 37.88
N LEU C 180 -20.58 -32.23 39.20
CA LEU C 180 -21.28 -31.44 40.19
C LEU C 180 -20.32 -30.50 40.88
N TYR C 181 -20.69 -29.24 41.00
CA TYR C 181 -19.85 -28.25 41.63
C TYR C 181 -19.81 -28.45 43.14
N SER C 182 -18.81 -27.83 43.78
CA SER C 182 -18.66 -27.92 45.22
C SER C 182 -17.81 -26.75 45.70
N LEU C 183 -18.15 -26.23 46.88
CA LEU C 183 -17.38 -25.15 47.48
C LEU C 183 -17.59 -25.18 48.98
N SER C 184 -16.70 -24.51 49.71
CA SER C 184 -16.76 -24.42 51.15
C SER C 184 -16.71 -22.96 51.57
N SER C 185 -17.43 -22.63 52.64
CA SER C 185 -17.44 -21.30 53.22
C SER C 185 -17.08 -21.40 54.68
N VAL C 186 -16.14 -20.58 55.13
CA VAL C 186 -15.63 -20.62 56.49
C VAL C 186 -15.68 -19.23 57.10
N VAL C 187 -15.67 -19.20 58.43
CA VAL C 187 -15.70 -17.96 59.20
C VAL C 187 -14.84 -18.12 60.44
N THR C 188 -14.09 -17.08 60.77
CA THR C 188 -13.22 -17.09 61.94
C THR C 188 -13.93 -16.40 63.11
N VAL C 189 -13.94 -17.06 64.27
CA VAL C 189 -14.64 -16.57 65.45
C VAL C 189 -13.71 -16.71 66.64
N PRO C 190 -13.98 -15.98 67.73
CA PRO C 190 -13.15 -16.12 68.93
C PRO C 190 -13.18 -17.54 69.47
N SER C 191 -12.07 -17.93 70.12
CA SER C 191 -11.89 -19.32 70.53
C SER C 191 -12.99 -19.78 71.48
N SER C 192 -13.33 -18.96 72.47
CA SER C 192 -14.31 -19.33 73.47
C SER C 192 -15.72 -18.85 73.15
N SER C 193 -15.92 -18.22 71.98
CA SER C 193 -17.24 -17.72 71.63
C SER C 193 -18.21 -18.84 71.29
N LEU C 194 -17.71 -20.04 70.98
CA LEU C 194 -18.59 -21.15 70.63
C LEU C 194 -19.44 -21.64 71.79
N GLY C 195 -19.05 -21.31 73.03
CA GLY C 195 -19.81 -21.79 74.18
C GLY C 195 -21.21 -21.22 74.23
N THR C 196 -21.37 -19.93 73.94
CA THR C 196 -22.66 -19.26 73.97
C THR C 196 -23.19 -18.91 72.60
N GLN C 197 -22.36 -18.30 71.75
CA GLN C 197 -22.81 -17.91 70.43
C GLN C 197 -23.10 -19.14 69.56
N THR C 198 -24.19 -19.09 68.82
CA THR C 198 -24.59 -20.15 67.91
C THR C 198 -24.36 -19.69 66.48
N TYR C 199 -23.70 -20.52 65.69
CA TYR C 199 -23.35 -20.19 64.31
C TYR C 199 -24.12 -21.09 63.36
N ILE C 200 -24.88 -20.47 62.46
CA ILE C 200 -25.67 -21.19 61.47
C ILE C 200 -25.37 -20.61 60.10
N CYS C 201 -25.09 -21.48 59.14
CA CYS C 201 -24.82 -21.07 57.77
C CYS C 201 -26.07 -21.29 56.92
N ASN C 202 -26.41 -20.30 56.10
CA ASN C 202 -27.57 -20.35 55.22
C ASN C 202 -27.10 -20.55 53.80
N VAL C 203 -27.48 -21.67 53.19
CA VAL C 203 -27.09 -22.02 51.83
C VAL C 203 -28.35 -22.00 50.96
N ASN C 204 -28.29 -21.24 49.86
CA ASN C 204 -29.41 -21.11 48.95
C ASN C 204 -28.96 -21.49 47.55
N HIS C 205 -29.64 -22.46 46.95
CA HIS C 205 -29.41 -22.88 45.56
C HIS C 205 -30.72 -22.72 44.82
N LYS C 206 -30.90 -21.56 44.19
CA LYS C 206 -32.17 -21.26 43.52
C LYS C 206 -32.53 -22.23 42.41
N PRO C 207 -31.61 -22.67 41.53
CA PRO C 207 -32.04 -23.58 40.45
C PRO C 207 -32.72 -24.86 40.94
N SER C 208 -32.28 -25.40 42.07
CA SER C 208 -32.92 -26.58 42.64
C SER C 208 -33.92 -26.23 43.73
N ASN C 209 -34.15 -24.95 44.00
CA ASN C 209 -35.10 -24.51 45.03
C ASN C 209 -34.76 -25.12 46.39
N THR C 210 -33.47 -25.18 46.72
CA THR C 210 -33.00 -25.79 47.95
C THR C 210 -32.44 -24.71 48.86
N LYS C 211 -32.98 -24.63 50.08
CA LYS C 211 -32.50 -23.72 51.11
C LYS C 211 -32.24 -24.53 52.37
N VAL C 212 -31.01 -24.45 52.90
CA VAL C 212 -30.59 -25.24 54.04
C VAL C 212 -29.97 -24.32 55.09
N ASP C 213 -30.41 -24.46 56.33
CA ASP C 213 -29.82 -23.76 57.48
C ASP C 213 -29.25 -24.82 58.42
N LYS C 214 -27.92 -24.88 58.52
CA LYS C 214 -27.24 -25.92 59.29
C LYS C 214 -26.48 -25.30 60.45
N LYS C 215 -26.58 -25.93 61.62
CA LYS C 215 -25.89 -25.48 62.82
C LYS C 215 -24.62 -26.30 63.01
N VAL C 216 -23.52 -25.64 63.33
CA VAL C 216 -22.22 -26.27 63.51
C VAL C 216 -21.83 -26.15 64.97
N GLU C 217 -21.54 -27.28 65.61
CA GLU C 217 -21.07 -27.33 66.98
C GLU C 217 -19.84 -28.22 67.08
N PRO C 218 -18.89 -27.87 67.96
CA PRO C 218 -17.59 -28.55 67.96
C PRO C 218 -17.63 -30.01 68.38
N LYS C 219 -18.20 -30.30 69.53
CA LYS C 219 -18.11 -31.63 70.13
C LYS C 219 -19.26 -32.51 69.65
N SER C 220 -18.92 -33.75 69.29
CA SER C 220 -19.90 -34.71 68.82
C SER C 220 -19.72 -36.06 69.51
N GLU D 1 1.04 -17.07 11.46
CA GLU D 1 0.17 -16.32 12.35
C GLU D 1 0.98 -15.42 13.27
N ILE D 2 0.29 -14.54 14.00
CA ILE D 2 0.91 -13.63 14.95
C ILE D 2 0.31 -13.90 16.32
N VAL D 3 1.18 -14.20 17.29
CA VAL D 3 0.76 -14.49 18.65
C VAL D 3 1.27 -13.39 19.56
N LEU D 4 0.60 -13.24 20.70
CA LEU D 4 0.93 -12.21 21.69
C LEU D 4 1.42 -12.85 22.97
N THR D 5 2.39 -12.19 23.62
CA THR D 5 2.95 -12.66 24.87
C THR D 5 2.92 -11.51 25.88
N GLN D 6 2.27 -11.73 27.01
CA GLN D 6 2.20 -10.76 28.10
C GLN D 6 3.12 -11.20 29.23
N SER D 7 3.98 -10.30 29.68
CA SER D 7 4.93 -10.62 30.74
C SER D 7 5.25 -9.37 31.52
N PRO D 8 5.34 -9.45 32.86
CA PRO D 8 5.13 -10.64 33.70
C PRO D 8 3.64 -10.96 33.86
N ALA D 9 3.30 -12.21 34.18
CA ALA D 9 1.90 -12.60 34.31
C ALA D 9 1.26 -12.06 35.59
N THR D 10 2.07 -11.73 36.60
CA THR D 10 1.55 -11.22 37.87
C THR D 10 2.49 -10.16 38.40
N LEU D 11 1.93 -9.02 38.78
CA LEU D 11 2.70 -7.92 39.37
C LEU D 11 2.16 -7.63 40.77
N SER D 12 3.06 -7.62 41.75
CA SER D 12 2.72 -7.29 43.13
C SER D 12 3.30 -5.91 43.43
N LEU D 13 2.44 -4.90 43.44
CA LEU D 13 2.85 -3.52 43.62
C LEU D 13 2.00 -2.86 44.68
N SER D 14 2.61 -1.93 45.42
CA SER D 14 1.89 -1.21 46.46
C SER D 14 0.94 -0.20 45.81
N PRO D 15 -0.15 0.14 46.51
CA PRO D 15 -1.09 1.14 45.97
C PRO D 15 -0.40 2.49 45.80
N GLY D 16 -0.78 3.19 44.73
CA GLY D 16 -0.18 4.49 44.44
C GLY D 16 1.19 4.43 43.82
N ALA D 17 1.66 3.26 43.41
CA ALA D 17 2.97 3.11 42.81
C ALA D 17 2.86 2.99 41.29
N ARG D 18 3.98 3.20 40.62
CA ARG D 18 4.01 3.11 39.16
C ARG D 18 3.91 1.65 38.72
N ALA D 19 3.15 1.42 37.65
CA ALA D 19 2.96 0.09 37.09
C ALA D 19 3.35 0.10 35.62
N THR D 20 4.06 -0.93 35.19
CA THR D 20 4.48 -1.07 33.80
C THR D 20 4.11 -2.45 33.30
N LEU D 21 3.45 -2.50 32.14
CA LEU D 21 3.03 -3.75 31.53
C LEU D 21 3.69 -3.89 30.16
N SER D 22 3.91 -5.13 29.74
CA SER D 22 4.59 -5.43 28.49
C SER D 22 3.79 -6.45 27.69
N CYS D 23 3.56 -6.16 26.42
CA CYS D 23 2.95 -7.09 25.48
C CYS D 23 3.85 -7.21 24.26
N ARG D 24 4.17 -8.45 23.89
CA ARG D 24 5.08 -8.72 22.79
C ARG D 24 4.39 -9.57 21.73
N ALA D 25 4.57 -9.19 20.47
CA ALA D 25 4.04 -9.93 19.34
C ALA D 25 5.12 -10.78 18.71
N SER D 26 4.71 -11.87 18.07
CA SER D 26 5.68 -12.77 17.43
C SER D 26 6.42 -12.05 16.30
N GLN D 27 5.70 -11.27 15.50
CA GLN D 27 6.31 -10.49 14.42
C GLN D 27 5.68 -9.10 14.45
N SER D 28 6.21 -8.23 13.58
CA SER D 28 5.79 -6.82 13.58
C SER D 28 4.31 -6.69 13.24
N VAL D 29 3.61 -5.88 14.04
CA VAL D 29 2.21 -5.55 13.80
C VAL D 29 2.01 -4.05 13.67
N ASP D 30 3.06 -3.32 13.35
CA ASP D 30 3.07 -1.86 13.24
C ASP D 30 2.61 -1.29 14.59
N THR D 31 1.73 -0.31 14.61
CA THR D 31 1.22 0.29 15.84
C THR D 31 -0.19 -0.18 16.18
N TYR D 32 -0.68 -1.22 15.51
CA TYR D 32 -2.05 -1.70 15.70
C TYR D 32 -2.09 -2.64 16.90
N LEU D 33 -2.36 -2.07 18.08
CA LEU D 33 -2.52 -2.85 19.29
C LEU D 33 -3.37 -2.05 20.27
N ALA D 34 -4.18 -2.77 21.05
CA ALA D 34 -5.09 -2.16 22.01
C ALA D 34 -4.93 -2.81 23.37
N TRP D 35 -5.20 -2.02 24.41
CA TRP D 35 -5.12 -2.48 25.79
C TRP D 35 -6.51 -2.45 26.42
N TYR D 36 -6.80 -3.44 27.26
CA TYR D 36 -8.10 -3.58 27.89
C TYR D 36 -7.93 -3.78 29.38
N GLN D 37 -8.99 -3.43 30.13
CA GLN D 37 -9.00 -3.59 31.58
C GLN D 37 -10.25 -4.37 31.98
N GLN D 38 -10.06 -5.39 32.82
CA GLN D 38 -11.15 -6.24 33.29
C GLN D 38 -11.01 -6.40 34.80
N ARG D 39 -11.91 -5.78 35.55
CA ARG D 39 -11.91 -5.89 37.00
C ARG D 39 -12.55 -7.20 37.44
N ARG D 40 -12.54 -7.44 38.75
CA ARG D 40 -13.11 -8.66 39.31
C ARG D 40 -14.60 -8.75 39.05
N GLY D 41 -15.01 -9.69 38.20
CA GLY D 41 -16.41 -9.83 37.86
C GLY D 41 -16.98 -8.62 37.14
N GLN D 42 -16.22 -8.05 36.21
CA GLN D 42 -16.64 -6.87 35.47
C GLN D 42 -16.34 -7.06 34.00
N SER D 43 -17.12 -6.38 33.16
CA SER D 43 -16.93 -6.48 31.73
C SER D 43 -15.64 -5.76 31.31
N PRO D 44 -14.92 -6.27 30.32
CA PRO D 44 -13.72 -5.57 29.85
C PRO D 44 -14.06 -4.23 29.23
N ARG D 45 -13.11 -3.30 29.35
CA ARG D 45 -13.26 -1.96 28.80
C ARG D 45 -11.97 -1.57 28.07
N LEU D 46 -12.11 -0.73 27.06
CA LEU D 46 -10.98 -0.31 26.25
C LEU D 46 -10.24 0.83 26.93
N LEU D 47 -8.92 0.68 27.07
CA LEU D 47 -8.08 1.70 27.69
C LEU D 47 -7.27 2.48 26.65
N ILE D 48 -6.48 1.76 25.84
CA ILE D 48 -5.58 2.37 24.87
C ILE D 48 -5.84 1.73 23.51
N TYR D 49 -5.99 2.58 22.49
CA TYR D 49 -6.14 2.11 21.12
C TYR D 49 -5.06 2.73 20.25
N ASP D 50 -4.61 1.97 19.25
CA ASP D 50 -3.45 2.28 18.43
C ASP D 50 -2.15 2.29 19.23
N ALA D 51 -2.19 1.79 20.47
CA ALA D 51 -1.04 1.66 21.36
C ALA D 51 -0.50 3.00 21.82
N SER D 52 -1.05 4.10 21.29
CA SER D 52 -0.67 5.45 21.71
C SER D 52 -1.84 6.26 22.21
N LYS D 53 -2.96 6.27 21.48
CA LYS D 53 -4.09 7.11 21.85
C LYS D 53 -4.82 6.54 23.05
N ARG D 54 -5.51 7.42 23.76
CA ARG D 54 -6.27 7.07 24.95
C ARG D 54 -7.75 7.07 24.62
N ALA D 55 -8.45 6.01 25.04
CA ALA D 55 -9.88 5.92 24.80
C ALA D 55 -10.63 6.99 25.58
N THR D 56 -11.80 7.37 25.08
CA THR D 56 -12.59 8.42 25.71
C THR D 56 -13.01 8.01 27.11
N GLY D 57 -12.85 8.93 28.06
CA GLY D 57 -13.22 8.69 29.44
C GLY D 57 -12.16 7.99 30.26
N ILE D 58 -11.06 7.57 29.67
CA ILE D 58 -10.01 6.87 30.41
C ILE D 58 -9.20 7.90 31.20
N PRO D 59 -8.90 7.64 32.48
CA PRO D 59 -8.09 8.58 33.25
C PRO D 59 -6.71 8.79 32.63
N ALA D 60 -6.17 9.99 32.82
CA ALA D 60 -4.89 10.37 32.25
C ALA D 60 -3.72 9.57 32.80
N ARG D 61 -3.91 8.87 33.92
CA ARG D 61 -2.83 8.06 34.49
C ARG D 61 -2.49 6.85 33.63
N PHE D 62 -3.31 6.50 32.65
CA PHE D 62 -3.07 5.37 31.77
C PHE D 62 -2.42 5.88 30.48
N SER D 63 -1.23 5.38 30.17
CA SER D 63 -0.50 5.77 28.98
C SER D 63 0.02 4.53 28.27
N GLY D 64 0.08 4.61 26.94
CA GLY D 64 0.57 3.52 26.12
C GLY D 64 1.76 3.95 25.28
N SER D 65 2.66 3.01 25.03
CA SER D 65 3.85 3.28 24.23
C SER D 65 4.30 1.99 23.57
N GLY D 66 5.07 2.14 22.51
CA GLY D 66 5.62 0.98 21.80
C GLY D 66 5.24 0.92 20.35
N SER D 67 6.04 0.23 19.55
CA SER D 67 5.77 0.05 18.13
C SER D 67 6.41 -1.24 17.66
N GLY D 68 5.94 -1.75 16.53
CA GLY D 68 6.46 -2.98 15.97
C GLY D 68 6.02 -4.21 16.74
N THR D 69 6.97 -4.84 17.45
CA THR D 69 6.68 -6.03 18.22
C THR D 69 6.54 -5.74 19.71
N ASP D 70 7.46 -4.98 20.29
CA ASP D 70 7.41 -4.67 21.71
C ASP D 70 6.42 -3.54 21.97
N PHE D 71 5.66 -3.68 23.05
CA PHE D 71 4.67 -2.68 23.45
C PHE D 71 4.64 -2.59 24.96
N THR D 72 4.45 -1.38 25.47
CA THR D 72 4.47 -1.12 26.91
C THR D 72 3.25 -0.31 27.32
N LEU D 73 2.63 -0.73 28.42
CA LEU D 73 1.54 0.02 29.05
C LEU D 73 2.01 0.47 30.42
N THR D 74 1.82 1.76 30.72
CA THR D 74 2.35 2.36 31.94
C THR D 74 1.23 3.06 32.70
N ILE D 75 1.16 2.81 34.01
CA ILE D 75 0.24 3.49 34.90
C ILE D 75 1.08 4.32 35.88
N SER D 76 0.84 5.63 35.89
CA SER D 76 1.63 6.51 36.75
C SER D 76 1.39 6.24 38.23
N SER D 77 0.12 6.05 38.60
CA SER D 77 -0.23 5.76 39.99
C SER D 77 -1.34 4.72 40.01
N LEU D 78 -1.21 3.74 40.90
CA LEU D 78 -2.16 2.63 40.98
C LEU D 78 -3.28 3.01 41.94
N GLU D 79 -4.44 3.34 41.38
CA GLU D 79 -5.64 3.60 42.17
C GLU D 79 -6.24 2.27 42.63
N PRO D 80 -7.10 2.31 43.65
CA PRO D 80 -7.73 1.05 44.10
C PRO D 80 -8.51 0.33 43.01
N GLU D 81 -9.12 1.06 42.08
CA GLU D 81 -9.86 0.42 40.99
C GLU D 81 -8.95 -0.06 39.87
N ASP D 82 -7.66 0.29 39.89
CA ASP D 82 -6.74 -0.13 38.84
C ASP D 82 -6.22 -1.55 39.02
N PHE D 83 -6.38 -2.15 40.20
CA PHE D 83 -5.93 -3.50 40.44
C PHE D 83 -6.87 -4.47 39.73
N ALA D 84 -6.50 -4.88 38.52
CA ALA D 84 -7.34 -5.73 37.69
C ALA D 84 -6.45 -6.51 36.72
N VAL D 85 -7.08 -7.14 35.74
CA VAL D 85 -6.39 -7.93 34.72
C VAL D 85 -6.43 -7.16 33.41
N TYR D 86 -5.29 -7.04 32.76
CA TYR D 86 -5.15 -6.27 31.53
C TYR D 86 -4.76 -7.17 30.38
N TYR D 87 -5.36 -6.94 29.22
CA TYR D 87 -5.10 -7.72 28.02
C TYR D 87 -4.66 -6.80 26.89
N CYS D 88 -3.88 -7.37 25.96
CA CYS D 88 -3.50 -6.68 24.74
C CYS D 88 -4.07 -7.43 23.54
N GLN D 89 -4.58 -6.68 22.57
CA GLN D 89 -5.30 -7.24 21.44
C GLN D 89 -4.76 -6.66 20.13
N GLN D 90 -4.75 -7.50 19.09
CA GLN D 90 -4.28 -7.09 17.77
C GLN D 90 -4.96 -7.96 16.73
N ARG D 91 -5.02 -7.45 15.50
CA ARG D 91 -5.81 -8.03 14.43
C ARG D 91 -4.92 -8.58 13.33
N ASN D 92 -5.23 -9.79 12.86
CA ASN D 92 -4.40 -10.51 11.90
C ASN D 92 -5.09 -10.51 10.52
N ASN D 93 -4.49 -9.79 9.58
CA ASN D 93 -4.83 -9.90 8.16
C ASN D 93 -6.32 -9.67 7.90
N TRP D 94 -6.92 -8.74 8.65
CA TRP D 94 -8.32 -8.35 8.51
C TRP D 94 -9.27 -9.52 8.76
N ARG D 95 -8.80 -10.62 9.35
CA ARG D 95 -9.62 -11.81 9.53
C ARG D 95 -9.80 -12.19 10.99
N THR D 96 -8.73 -12.25 11.77
CA THR D 96 -8.79 -12.77 13.12
C THR D 96 -8.24 -11.75 14.12
N TRP D 97 -8.73 -11.84 15.36
CA TRP D 97 -8.28 -11.00 16.45
C TRP D 97 -7.74 -11.89 17.56
N THR D 98 -6.59 -11.52 18.12
CA THR D 98 -5.91 -12.31 19.14
C THR D 98 -5.75 -11.51 20.42
N PHE D 99 -5.60 -12.23 21.52
CA PHE D 99 -5.42 -11.64 22.84
C PHE D 99 -4.20 -12.25 23.52
N GLY D 100 -3.64 -11.51 24.48
CA GLY D 100 -2.61 -12.05 25.32
C GLY D 100 -3.19 -12.91 26.43
N GLN D 101 -2.30 -13.63 27.12
CA GLN D 101 -2.75 -14.50 28.20
C GLN D 101 -3.24 -13.72 29.41
N GLY D 102 -2.91 -12.45 29.51
CA GLY D 102 -3.39 -11.61 30.59
C GLY D 102 -2.32 -11.37 31.64
N THR D 103 -2.39 -10.21 32.28
CA THR D 103 -1.49 -9.83 33.36
C THR D 103 -2.31 -9.38 34.55
N LYS D 104 -2.00 -9.95 35.72
CA LYS D 104 -2.74 -9.66 36.94
C LYS D 104 -1.93 -8.70 37.82
N VAL D 105 -2.57 -7.65 38.29
CA VAL D 105 -1.96 -6.67 39.19
C VAL D 105 -2.59 -6.85 40.57
N GLU D 106 -1.74 -7.05 41.58
CA GLU D 106 -2.20 -7.33 42.93
C GLU D 106 -1.48 -6.43 43.92
N ILE D 107 -2.14 -6.20 45.06
CA ILE D 107 -1.60 -5.32 46.09
C ILE D 107 -0.44 -6.01 46.80
N ASN D 108 0.57 -5.21 47.17
CA ASN D 108 1.71 -5.72 47.93
C ASN D 108 1.46 -5.56 49.42
N ARG D 109 1.85 -6.57 50.19
CA ARG D 109 1.64 -6.58 51.63
C ARG D 109 2.79 -7.33 52.28
N THR D 110 3.07 -6.98 53.54
CA THR D 110 4.07 -7.71 54.31
C THR D 110 3.71 -9.18 54.38
N VAL D 111 4.72 -10.03 54.24
CA VAL D 111 4.50 -11.48 54.17
C VAL D 111 3.84 -11.95 55.46
N ALA D 112 2.65 -12.55 55.33
CA ALA D 112 1.88 -13.03 56.46
C ALA D 112 1.76 -14.54 56.38
N ALA D 113 2.09 -15.23 57.47
CA ALA D 113 2.01 -16.68 57.49
C ALA D 113 0.56 -17.13 57.53
N PRO D 114 0.21 -18.19 56.81
CA PRO D 114 -1.17 -18.68 56.83
C PRO D 114 -1.53 -19.32 58.17
N SER D 115 -2.82 -19.30 58.48
CA SER D 115 -3.37 -20.01 59.62
C SER D 115 -3.98 -21.32 59.12
N VAL D 116 -3.41 -22.44 59.57
CA VAL D 116 -3.76 -23.75 59.04
C VAL D 116 -4.74 -24.42 59.98
N PHE D 117 -5.89 -24.84 59.44
CA PHE D 117 -6.89 -25.61 60.16
C PHE D 117 -7.31 -26.79 59.30
N ILE D 118 -7.63 -27.91 59.96
CA ILE D 118 -8.04 -29.13 59.29
C ILE D 118 -9.37 -29.58 59.87
N PHE D 119 -10.30 -29.95 59.00
CA PHE D 119 -11.66 -30.33 59.41
C PHE D 119 -11.93 -31.78 59.01
N PRO D 120 -12.21 -32.68 59.96
CA PRO D 120 -12.56 -34.04 59.59
C PRO D 120 -13.90 -34.08 58.88
N PRO D 121 -14.12 -35.07 58.01
CA PRO D 121 -15.44 -35.21 57.38
C PRO D 121 -16.53 -35.47 58.42
N SER D 122 -17.69 -34.88 58.18
CA SER D 122 -18.81 -35.03 59.10
C SER D 122 -19.40 -36.43 59.02
N ASP D 123 -20.05 -36.84 60.10
CA ASP D 123 -20.70 -38.15 60.13
C ASP D 123 -21.88 -38.21 59.16
N GLU D 124 -22.56 -37.08 58.95
CA GLU D 124 -23.66 -37.05 57.99
C GLU D 124 -23.17 -37.34 56.57
N GLN D 125 -22.01 -36.77 56.21
CA GLN D 125 -21.45 -37.03 54.89
C GLN D 125 -21.03 -38.47 54.72
N LEU D 126 -20.54 -39.10 55.80
CA LEU D 126 -20.11 -40.50 55.72
C LEU D 126 -21.27 -41.44 55.40
N LYS D 127 -22.51 -41.03 55.69
CA LYS D 127 -23.66 -41.88 55.37
C LYS D 127 -23.86 -42.03 53.87
N SER D 128 -23.39 -41.08 53.07
CA SER D 128 -23.55 -41.15 51.61
C SER D 128 -22.48 -41.99 50.93
N GLY D 129 -21.44 -42.41 51.65
CA GLY D 129 -20.39 -43.23 51.09
C GLY D 129 -19.18 -42.47 50.58
N THR D 130 -19.12 -41.16 50.77
CA THR D 130 -17.98 -40.36 50.33
C THR D 130 -17.50 -39.50 51.50
N ALA D 131 -16.18 -39.46 51.69
CA ALA D 131 -15.56 -38.69 52.76
C ALA D 131 -14.69 -37.60 52.13
N SER D 132 -14.85 -36.36 52.62
CA SER D 132 -14.07 -35.23 52.14
C SER D 132 -13.40 -34.55 53.32
N VAL D 133 -12.11 -34.30 53.19
CA VAL D 133 -11.32 -33.63 54.22
C VAL D 133 -10.91 -32.26 53.70
N VAL D 134 -11.14 -31.22 54.50
CA VAL D 134 -10.92 -29.84 54.09
C VAL D 134 -9.83 -29.23 54.97
N CYS D 135 -8.82 -28.65 54.33
CA CYS D 135 -7.75 -27.93 55.01
C CYS D 135 -7.84 -26.45 54.62
N LEU D 136 -7.80 -25.58 55.63
CA LEU D 136 -8.06 -24.16 55.44
C LEU D 136 -6.79 -23.35 55.68
N LEU D 137 -6.48 -22.46 54.74
CA LEU D 137 -5.43 -21.47 54.88
C LEU D 137 -6.08 -20.09 54.94
N ASN D 138 -5.83 -19.34 56.01
CA ASN D 138 -6.54 -18.10 56.29
C ASN D 138 -5.56 -16.94 56.33
N ASN D 139 -5.84 -15.92 55.51
CA ASN D 139 -5.18 -14.61 55.59
C ASN D 139 -3.66 -14.74 55.46
N PHE D 140 -3.23 -15.19 54.29
CA PHE D 140 -1.81 -15.32 53.99
C PHE D 140 -1.45 -14.47 52.77
N TYR D 141 -0.17 -14.11 52.70
CA TYR D 141 0.37 -13.35 51.59
C TYR D 141 1.86 -13.66 51.52
N PRO D 142 2.42 -13.83 50.31
CA PRO D 142 1.79 -13.73 48.98
C PRO D 142 0.91 -14.92 48.62
N ARG D 143 0.33 -14.89 47.42
CA ARG D 143 -0.58 -15.96 46.98
C ARG D 143 0.14 -17.30 46.84
N GLU D 144 1.46 -17.29 46.64
CA GLU D 144 2.20 -18.52 46.44
C GLU D 144 2.20 -19.36 47.71
N ALA D 145 1.58 -20.54 47.65
CA ALA D 145 1.53 -21.45 48.78
C ALA D 145 1.41 -22.87 48.26
N LYS D 146 1.85 -23.82 49.09
CA LYS D 146 1.82 -25.24 48.74
C LYS D 146 1.09 -26.00 49.84
N VAL D 147 0.11 -26.81 49.43
CA VAL D 147 -0.66 -27.64 50.36
C VAL D 147 -0.45 -29.09 49.97
N GLN D 148 -0.02 -29.90 50.92
CA GLN D 148 0.25 -31.31 50.69
C GLN D 148 -0.66 -32.15 51.58
N TRP D 149 -1.29 -33.16 50.99
CA TRP D 149 -2.16 -34.08 51.71
C TRP D 149 -1.43 -35.37 52.00
N LYS D 150 -1.38 -35.75 53.29
CA LYS D 150 -0.72 -36.98 53.71
C LYS D 150 -1.73 -37.82 54.49
N VAL D 151 -2.01 -39.01 53.98
CA VAL D 151 -2.93 -39.95 54.61
C VAL D 151 -2.10 -41.12 55.11
N ASP D 152 -2.02 -41.27 56.44
CA ASP D 152 -1.13 -42.25 57.07
C ASP D 152 0.30 -42.07 56.58
N ASN D 153 0.73 -40.81 56.49
CA ASN D 153 2.05 -40.42 55.99
C ASN D 153 2.29 -40.86 54.55
N ALA D 154 1.23 -41.12 53.80
CA ALA D 154 1.32 -41.45 52.39
C ALA D 154 0.87 -40.25 51.57
N LEU D 155 1.71 -39.82 50.62
CA LEU D 155 1.39 -38.67 49.81
C LEU D 155 0.20 -38.96 48.90
N GLN D 156 -0.71 -37.99 48.81
CA GLN D 156 -1.90 -38.12 47.99
C GLN D 156 -1.78 -37.17 46.80
N SER D 157 -2.02 -37.70 45.60
CA SER D 157 -1.94 -36.92 44.38
C SER D 157 -3.08 -37.30 43.45
N GLY D 158 -3.70 -36.29 42.85
CA GLY D 158 -4.77 -36.50 41.89
C GLY D 158 -6.14 -36.73 42.48
N ASN D 159 -6.30 -36.68 43.81
CA ASN D 159 -7.58 -36.90 44.47
C ASN D 159 -7.99 -35.69 45.32
N SER D 160 -7.50 -34.51 44.95
CA SER D 160 -7.81 -33.30 45.71
C SER D 160 -8.03 -32.14 44.75
N GLN D 161 -8.86 -31.18 45.19
CA GLN D 161 -9.15 -29.98 44.43
C GLN D 161 -8.89 -28.77 45.31
N GLU D 162 -8.44 -27.68 44.68
CA GLU D 162 -8.01 -26.48 45.39
C GLU D 162 -8.82 -25.28 44.90
N SER D 163 -9.19 -24.43 45.85
CA SER D 163 -9.92 -23.19 45.55
C SER D 163 -9.30 -22.06 46.36
N VAL D 164 -9.07 -20.92 45.69
CA VAL D 164 -8.47 -19.75 46.31
C VAL D 164 -9.35 -18.55 46.09
N THR D 165 -9.56 -17.77 47.14
CA THR D 165 -10.38 -16.57 47.04
C THR D 165 -9.58 -15.41 46.48
N GLU D 166 -10.29 -14.37 46.03
CA GLU D 166 -9.65 -13.16 45.56
C GLU D 166 -9.06 -12.40 46.74
N GLN D 167 -8.26 -11.38 46.43
CA GLN D 167 -7.66 -10.55 47.47
C GLN D 167 -8.74 -9.86 48.28
N ASP D 168 -8.62 -9.95 49.60
CA ASP D 168 -9.63 -9.36 50.48
C ASP D 168 -9.57 -7.83 50.40
N SER D 169 -10.74 -7.21 50.49
CA SER D 169 -10.83 -5.76 50.39
C SER D 169 -10.35 -5.04 51.65
N LYS D 170 -10.09 -5.78 52.74
CA LYS D 170 -9.70 -5.16 54.01
C LYS D 170 -8.21 -5.27 54.27
N ASP D 171 -7.66 -6.50 54.26
CA ASP D 171 -6.26 -6.72 54.56
C ASP D 171 -5.43 -7.12 53.34
N SER D 172 -6.07 -7.25 52.17
CA SER D 172 -5.37 -7.63 50.94
C SER D 172 -4.62 -8.95 51.08
N THR D 173 -5.25 -9.92 51.76
CA THR D 173 -4.68 -11.24 51.96
C THR D 173 -5.48 -12.26 51.16
N TYR D 174 -4.95 -13.48 51.13
CA TYR D 174 -5.57 -14.58 50.41
C TYR D 174 -6.04 -15.67 51.37
N SER D 175 -7.02 -16.44 50.92
CA SER D 175 -7.51 -17.59 51.66
C SER D 175 -7.61 -18.78 50.70
N LEU D 176 -7.14 -19.94 51.17
CA LEU D 176 -7.10 -21.14 50.34
C LEU D 176 -7.74 -22.30 51.09
N SER D 177 -8.52 -23.10 50.37
CA SER D 177 -9.14 -24.30 50.91
C SER D 177 -8.86 -25.47 49.99
N SER D 178 -8.32 -26.55 50.55
CA SER D 178 -8.01 -27.76 49.81
C SER D 178 -8.91 -28.88 50.29
N THR D 179 -9.63 -29.51 49.37
CA THR D 179 -10.56 -30.59 49.70
C THR D 179 -10.02 -31.89 49.14
N LEU D 180 -9.85 -32.88 50.00
CA LEU D 180 -9.38 -34.20 49.61
C LEU D 180 -10.57 -35.16 49.59
N THR D 181 -10.81 -35.77 48.44
CA THR D 181 -11.97 -36.62 48.23
C THR D 181 -11.54 -38.08 48.26
N LEU D 182 -12.10 -38.85 49.19
CA LEU D 182 -11.83 -40.28 49.30
C LEU D 182 -13.14 -41.01 49.53
N SER D 183 -13.15 -42.29 49.14
CA SER D 183 -14.32 -43.12 49.38
C SER D 183 -14.45 -43.44 50.87
N LYS D 184 -15.67 -43.81 51.28
CA LYS D 184 -15.91 -44.15 52.68
C LYS D 184 -15.09 -45.36 53.10
N ALA D 185 -14.99 -46.37 52.23
CA ALA D 185 -14.19 -47.55 52.55
C ALA D 185 -12.72 -47.19 52.71
N ASP D 186 -12.19 -46.35 51.81
CA ASP D 186 -10.79 -45.94 51.92
C ASP D 186 -10.56 -45.09 53.16
N TYR D 187 -11.54 -44.25 53.52
CA TYR D 187 -11.39 -43.40 54.70
C TYR D 187 -11.30 -44.23 55.98
N GLU D 188 -12.07 -45.32 56.06
CA GLU D 188 -12.10 -46.12 57.27
C GLU D 188 -10.81 -46.92 57.47
N LYS D 189 -10.18 -47.35 56.38
CA LYS D 189 -8.95 -48.15 56.51
C LYS D 189 -7.84 -47.34 57.16
N HIS D 190 -7.68 -46.08 56.76
CA HIS D 190 -6.62 -45.23 57.28
C HIS D 190 -7.11 -44.46 58.50
N LYS D 191 -6.18 -44.10 59.37
CA LYS D 191 -6.50 -43.44 60.63
C LYS D 191 -5.86 -42.08 60.80
N VAL D 192 -4.61 -41.91 60.37
CA VAL D 192 -3.88 -40.66 60.54
C VAL D 192 -4.00 -39.85 59.25
N TYR D 193 -4.52 -38.63 59.36
CA TYR D 193 -4.67 -37.72 58.24
C TYR D 193 -4.05 -36.38 58.61
N ALA D 194 -3.19 -35.86 57.75
CA ALA D 194 -2.46 -34.64 58.02
C ALA D 194 -2.49 -33.72 56.81
N CYS D 195 -2.38 -32.42 57.07
CA CYS D 195 -2.32 -31.40 56.04
C CYS D 195 -1.06 -30.57 56.28
N GLU D 196 -0.09 -30.67 55.37
CA GLU D 196 1.17 -29.98 55.48
C GLU D 196 1.18 -28.77 54.55
N VAL D 197 1.52 -27.61 55.08
CA VAL D 197 1.47 -26.35 54.34
C VAL D 197 2.87 -25.74 54.33
N THR D 198 3.35 -25.42 53.14
CA THR D 198 4.63 -24.74 52.95
C THR D 198 4.37 -23.35 52.41
N HIS D 199 4.91 -22.34 53.09
CA HIS D 199 4.65 -20.95 52.72
C HIS D 199 5.88 -20.11 53.02
N GLN D 200 5.96 -18.95 52.36
CA GLN D 200 7.09 -18.06 52.56
C GLN D 200 7.14 -17.54 54.00
N GLY D 201 5.98 -17.27 54.60
CA GLY D 201 5.94 -16.74 55.95
C GLY D 201 6.23 -17.74 57.04
N LEU D 202 6.36 -19.02 56.69
CA LEU D 202 6.67 -20.07 57.65
C LEU D 202 8.12 -20.50 57.50
N SER D 203 8.86 -20.47 58.60
CA SER D 203 10.25 -20.93 58.57
C SER D 203 10.33 -22.41 58.23
N SER D 204 9.43 -23.20 58.80
CA SER D 204 9.32 -24.62 58.50
C SER D 204 7.86 -24.94 58.18
N PRO D 205 7.62 -25.98 57.38
CA PRO D 205 6.23 -26.33 57.04
C PRO D 205 5.43 -26.68 58.29
N VAL D 206 4.17 -26.26 58.30
CA VAL D 206 3.26 -26.52 59.41
C VAL D 206 2.31 -27.62 58.99
N THR D 207 2.25 -28.69 59.78
CA THR D 207 1.43 -29.86 59.48
C THR D 207 0.32 -29.97 60.53
N LYS D 208 -0.90 -29.71 60.11
CA LYS D 208 -2.08 -29.87 60.96
C LYS D 208 -2.71 -31.23 60.68
N SER D 209 -2.88 -32.04 61.72
CA SER D 209 -3.36 -33.40 61.58
C SER D 209 -4.52 -33.64 62.55
N PHE D 210 -5.39 -34.56 62.17
CA PHE D 210 -6.54 -34.93 62.98
C PHE D 210 -6.64 -36.45 63.07
N ASN D 211 -7.14 -36.92 64.21
CA ASN D 211 -7.44 -38.34 64.41
C ASN D 211 -8.84 -38.48 64.98
N ARG D 212 -9.21 -39.71 65.35
CA ARG D 212 -10.53 -39.93 65.93
C ARG D 212 -10.67 -39.20 67.27
N GLY D 213 -9.63 -39.22 68.09
CA GLY D 213 -9.64 -38.52 69.36
C GLY D 213 -10.63 -39.07 70.36
N ARG E 7 8.19 38.73 16.57
CA ARG E 7 7.40 37.53 16.84
C ARG E 7 7.07 36.80 15.54
N CYS E 8 7.40 35.51 15.49
CA CYS E 8 7.10 34.70 14.31
C CYS E 8 5.61 34.39 14.21
N GLN E 9 4.91 34.32 15.35
CA GLN E 9 3.49 34.00 15.34
C GLN E 9 2.68 35.07 14.62
N SER E 10 3.15 36.33 14.66
CA SER E 10 2.40 37.41 14.02
C SER E 10 2.30 37.19 12.51
N GLN E 11 3.39 36.75 11.87
CA GLN E 11 3.36 36.52 10.44
C GLN E 11 2.47 35.35 10.07
N LEU E 12 2.35 34.35 10.95
CA LEU E 12 1.52 33.19 10.64
C LEU E 12 0.06 33.57 10.51
N GLU E 13 -0.43 34.45 11.38
CA GLU E 13 -1.83 34.87 11.32
C GLU E 13 -2.14 35.61 10.03
N ARG E 14 -1.21 36.45 9.56
CA ARG E 14 -1.42 37.20 8.33
C ARG E 14 -1.53 36.26 7.13
N ALA E 15 -0.68 35.24 7.08
CA ALA E 15 -0.68 34.32 5.96
C ALA E 15 -1.74 33.24 6.14
N ASN E 16 -2.09 32.59 5.03
CA ASN E 16 -3.08 31.51 5.01
C ASN E 16 -2.44 30.29 4.38
N LEU E 17 -2.44 29.17 5.12
CA LEU E 17 -1.79 27.95 4.67
C LEU E 17 -2.78 26.92 4.12
N ARG E 18 -4.02 27.32 3.88
CA ARG E 18 -5.00 26.39 3.30
C ARG E 18 -4.59 25.86 1.93
N PRO E 19 -4.11 26.69 0.98
CA PRO E 19 -3.67 26.12 -0.30
C PRO E 19 -2.58 25.09 -0.17
N CYS E 20 -1.66 25.25 0.79
CA CYS E 20 -0.62 24.25 1.00
C CYS E 20 -1.21 22.93 1.47
N GLU E 21 -2.20 22.98 2.35
CA GLU E 21 -2.84 21.75 2.82
C GLU E 21 -3.54 21.02 1.68
N GLN E 22 -4.21 21.75 0.80
CA GLN E 22 -4.90 21.11 -0.31
C GLN E 22 -3.92 20.39 -1.24
N HIS E 23 -2.79 21.02 -1.53
CA HIS E 23 -1.81 20.41 -2.42
C HIS E 23 -1.24 19.13 -1.82
N LEU E 24 -0.95 19.13 -0.52
CA LEU E 24 -0.40 17.95 0.12
C LEU E 24 -1.40 16.81 0.14
N MET E 25 -2.65 17.09 0.52
CA MET E 25 -3.66 16.04 0.59
C MET E 25 -4.04 15.55 -0.80
N GLN E 26 -4.13 16.45 -1.78
CA GLN E 26 -4.46 16.01 -3.15
C GLN E 26 -3.35 15.16 -3.74
N LYS E 27 -2.11 15.35 -3.30
CA LYS E 27 -1.03 14.49 -3.76
C LYS E 27 -1.26 13.05 -3.32
N ILE E 28 -1.69 12.86 -2.07
CA ILE E 28 -2.06 11.52 -1.60
C ILE E 28 -3.19 10.97 -2.46
N GLN E 29 -4.26 11.76 -2.62
CA GLN E 29 -5.35 11.51 -3.55
C GLN E 29 -6.14 10.25 -3.17
N ARG E 30 -5.72 9.57 -2.11
CA ARG E 30 -6.28 8.26 -1.77
C ARG E 30 -6.15 7.31 -2.98
N ASP E 31 -4.92 7.22 -3.50
CA ASP E 31 -4.47 6.13 -4.38
C ASP E 31 -5.49 5.76 -5.44
N GLU E 32 -5.64 6.60 -6.47
CA GLU E 32 -6.78 6.64 -7.39
C GLU E 32 -7.39 5.28 -7.69
N ASP E 33 -6.57 4.24 -7.82
CA ASP E 33 -7.07 2.91 -8.09
C ASP E 33 -7.97 2.41 -6.96
N SER E 34 -8.59 1.26 -7.20
CA SER E 34 -9.49 0.62 -6.25
C SER E 34 -8.72 -0.18 -5.21
N TYR E 35 -9.41 -1.09 -4.52
CA TYR E 35 -8.83 -2.06 -3.59
C TYR E 35 -8.56 -1.43 -2.22
N GLU E 36 -7.90 -2.17 -1.35
CA GLU E 36 -7.75 -1.88 0.09
C GLU E 36 -9.06 -1.42 0.71
N ARG E 37 -10.03 -2.33 0.69
CA ARG E 37 -11.31 -2.16 1.37
C ARG E 37 -11.32 -3.04 2.61
N ASP E 38 -11.55 -2.43 3.77
CA ASP E 38 -11.63 -3.19 5.02
C ASP E 38 -13.03 -3.80 5.13
N PRO E 39 -13.14 -5.12 5.27
CA PRO E 39 -14.48 -5.74 5.36
C PRO E 39 -15.29 -5.26 6.55
N TYR E 40 -14.65 -4.96 7.67
CA TYR E 40 -15.33 -4.52 8.89
C TYR E 40 -15.24 -3.01 9.10
N SER E 41 -15.02 -2.26 8.01
CA SER E 41 -14.94 -0.81 8.10
C SER E 41 -16.30 -0.20 8.37
N PRO E 42 -16.35 1.04 8.85
CA PRO E 42 -17.65 1.70 9.06
C PRO E 42 -18.43 1.82 7.76
N SER E 43 -19.76 1.72 7.89
CA SER E 43 -20.63 1.67 6.72
C SER E 43 -20.62 2.98 5.94
N GLN E 44 -20.50 4.12 6.63
CA GLN E 44 -20.60 5.45 6.03
C GLN E 44 -21.98 5.69 5.44
N ASP E 45 -22.23 6.92 4.98
CA ASP E 45 -23.53 7.31 4.48
C ASP E 45 -23.35 8.60 3.69
N PRO E 46 -24.35 9.00 2.90
CA PRO E 46 -24.23 10.25 2.14
C PRO E 46 -24.02 11.45 3.05
N TYR E 47 -23.23 12.40 2.57
CA TYR E 47 -22.84 13.58 3.30
C TYR E 47 -23.44 14.82 2.64
N SER E 48 -23.70 15.85 3.45
CA SER E 48 -24.41 17.03 2.97
C SER E 48 -23.71 17.72 1.81
N PRO E 49 -22.40 18.00 1.84
CA PRO E 49 -21.81 18.62 0.64
C PRO E 49 -21.39 17.59 -0.40
N ALA E 57 -15.82 19.34 -6.41
CA ALA E 57 -14.40 19.26 -6.73
C ALA E 57 -13.61 20.32 -5.98
N GLY E 58 -12.45 19.93 -5.46
CA GLY E 58 -11.59 20.85 -4.75
C GLY E 58 -10.94 21.85 -5.68
N SER E 59 -10.31 22.86 -5.07
CA SER E 59 -9.64 23.89 -5.83
C SER E 59 -8.46 23.31 -6.60
N SER E 60 -7.99 24.08 -7.59
CA SER E 60 -6.89 23.63 -8.42
C SER E 60 -5.62 23.47 -7.59
N GLN E 61 -4.58 22.94 -8.25
CA GLN E 61 -3.31 22.68 -7.57
C GLN E 61 -2.81 23.93 -6.86
N HIS E 62 -2.55 25.00 -7.62
CA HIS E 62 -2.17 26.29 -7.06
C HIS E 62 -0.97 26.15 -6.12
N GLN E 63 -0.02 25.29 -6.49
CA GLN E 63 1.19 25.14 -5.70
C GLN E 63 1.99 26.44 -5.66
N GLU E 64 1.89 27.24 -6.72
CA GLU E 64 2.53 28.56 -6.72
C GLU E 64 1.95 29.43 -5.62
N ARG E 65 0.64 29.40 -5.42
CA ARG E 65 0.02 30.18 -4.35
C ARG E 65 0.46 29.68 -2.98
N CYS E 66 0.60 28.35 -2.83
CA CYS E 66 1.09 27.81 -1.57
C CYS E 66 2.50 28.28 -1.26
N CYS E 67 3.37 28.30 -2.27
CA CYS E 67 4.73 28.78 -2.07
C CYS E 67 4.75 30.26 -1.74
N ASN E 68 3.86 31.04 -2.37
CA ASN E 68 3.80 32.47 -2.09
C ASN E 68 3.47 32.73 -0.62
N GLU E 69 2.55 31.94 -0.06
CA GLU E 69 2.28 32.04 1.37
C GLU E 69 3.49 31.66 2.20
N LEU E 70 4.22 30.63 1.76
CA LEU E 70 5.43 30.19 2.46
C LEU E 70 6.64 31.08 2.17
N ASN E 71 6.55 31.94 1.15
CA ASN E 71 7.67 32.83 0.84
C ASN E 71 7.98 33.78 1.99
N GLU E 72 6.97 34.14 2.78
CA GLU E 72 7.20 35.04 3.91
C GLU E 72 8.14 34.41 4.93
N PHE E 73 7.96 33.12 5.22
CA PHE E 73 8.76 32.44 6.23
C PHE E 73 9.97 31.75 5.59
N GLU E 74 10.77 32.54 4.87
CA GLU E 74 11.93 32.02 4.18
C GLU E 74 13.24 32.33 4.89
N ASN E 75 13.46 33.59 5.26
CA ASN E 75 14.70 33.96 5.93
C ASN E 75 14.80 33.29 7.30
N ASN E 76 13.69 33.24 8.04
CA ASN E 76 13.67 32.67 9.39
C ASN E 76 13.34 31.18 9.27
N GLN E 77 14.34 30.34 9.45
CA GLN E 77 14.11 28.89 9.42
C GLN E 77 13.25 28.45 10.61
N ARG E 78 13.39 29.11 11.76
CA ARG E 78 12.53 28.81 12.89
C ARG E 78 11.06 29.10 12.56
N CYS E 79 10.80 30.21 11.88
CA CYS E 79 9.44 30.52 11.46
C CYS E 79 8.94 29.55 10.40
N MET E 80 9.83 29.06 9.53
CA MET E 80 9.43 28.10 8.52
C MET E 80 8.93 26.80 9.15
N CYS E 81 9.65 26.30 10.15
CA CYS E 81 9.23 25.07 10.81
C CYS E 81 7.90 25.24 11.52
N GLU E 82 7.68 26.41 12.13
CA GLU E 82 6.40 26.69 12.78
C GLU E 82 5.26 26.67 11.78
N ALA E 83 5.50 27.21 10.58
CA ALA E 83 4.49 27.15 9.52
C ALA E 83 4.22 25.72 9.09
N LEU E 84 5.28 24.91 8.96
CA LEU E 84 5.10 23.52 8.56
C LEU E 84 4.33 22.73 9.61
N GLN E 85 4.63 22.96 10.89
CA GLN E 85 3.91 22.26 11.95
C GLN E 85 2.45 22.69 12.02
N GLN E 86 2.15 23.94 11.64
CA GLN E 86 0.77 24.39 11.60
C GLN E 86 -0.03 23.63 10.56
N ILE E 87 0.60 23.30 9.43
CA ILE E 87 -0.06 22.48 8.41
C ILE E 87 -0.38 21.10 8.97
N MET E 88 0.55 20.52 9.74
CA MET E 88 0.31 19.21 10.33
C MET E 88 -0.87 19.23 11.29
N GLU E 89 -0.97 20.29 12.10
CA GLU E 89 -2.06 20.38 13.08
C GLU E 89 -3.41 20.49 12.39
N ASN E 90 -3.50 21.25 11.29
CA ASN E 90 -4.76 21.45 10.61
C ASN E 90 -5.29 20.15 10.02
N GLN E 91 -4.41 19.31 9.46
CA GLN E 91 -4.81 18.09 8.79
C GLN E 91 -4.51 16.84 9.60
N SER E 92 -4.33 16.98 10.92
CA SER E 92 -4.05 15.83 11.78
C SER E 92 -5.28 14.98 12.05
N ASP E 93 -6.47 15.44 11.68
CA ASP E 93 -7.71 14.71 11.93
C ASP E 93 -8.15 13.85 10.75
N ARG E 94 -7.96 14.34 9.52
CA ARG E 94 -8.40 13.58 8.35
C ARG E 94 -7.50 12.39 8.05
N LEU E 95 -6.29 12.37 8.59
CA LEU E 95 -5.35 11.30 8.30
C LEU E 95 -5.61 10.09 9.20
N GLN E 96 -5.77 8.92 8.58
CA GLN E 96 -6.07 7.69 9.30
C GLN E 96 -5.12 6.59 8.86
N GLY E 97 -4.95 5.59 9.73
CA GLY E 97 -4.14 4.43 9.46
C GLY E 97 -2.71 4.51 9.97
N ARG E 98 -2.23 5.72 10.27
CA ARG E 98 -0.89 6.00 10.80
C ARG E 98 0.21 5.73 9.79
N GLN E 99 -0.10 5.18 8.60
CA GLN E 99 0.83 5.13 7.51
C GLN E 99 0.56 6.19 6.45
N GLN E 100 -0.68 6.68 6.38
CA GLN E 100 -0.96 7.87 5.58
C GLN E 100 -0.38 9.12 6.23
N GLU E 101 -0.37 9.18 7.56
CA GLU E 101 0.30 10.28 8.26
C GLU E 101 1.78 10.31 7.93
N GLN E 102 2.41 9.13 7.88
CA GLN E 102 3.76 9.00 7.36
C GLN E 102 3.90 9.65 5.99
N GLN E 103 2.95 9.39 5.09
CA GLN E 103 3.03 9.96 3.76
C GLN E 103 2.89 11.48 3.81
N PHE E 104 2.04 11.98 4.70
CA PHE E 104 1.88 13.42 4.86
C PHE E 104 3.17 14.07 5.35
N LYS E 105 3.83 13.45 6.33
CA LYS E 105 5.06 14.01 6.88
C LYS E 105 6.18 14.04 5.84
N ARG E 106 6.29 12.97 5.04
CA ARG E 106 7.35 12.91 4.03
C ARG E 106 7.18 14.02 2.99
N GLU E 107 5.95 14.28 2.57
CA GLU E 107 5.71 15.33 1.58
C GLU E 107 5.85 16.72 2.18
N LEU E 108 5.47 16.89 3.45
CA LEU E 108 5.60 18.19 4.09
C LEU E 108 7.07 18.60 4.24
N ARG E 109 7.95 17.62 4.46
CA ARG E 109 9.37 17.93 4.63
C ARG E 109 9.97 18.54 3.37
N ASN E 110 9.61 17.99 2.20
CA ASN E 110 10.12 18.50 0.94
C ASN E 110 9.25 19.61 0.35
N LEU E 111 8.19 20.01 1.04
CA LEU E 111 7.38 21.13 0.57
C LEU E 111 8.18 22.43 0.46
N PRO E 112 9.01 22.81 1.44
CA PRO E 112 9.94 23.93 1.18
C PRO E 112 10.90 23.65 0.04
N GLN E 113 11.32 22.38 -0.12
CA GLN E 113 12.17 22.03 -1.26
C GLN E 113 11.42 22.13 -2.57
N GLN E 114 10.10 21.90 -2.56
CA GLN E 114 9.29 22.06 -3.76
C GLN E 114 9.33 23.50 -4.24
N CYS E 115 9.25 24.46 -3.33
CA CYS E 115 9.40 25.86 -3.66
C CYS E 115 10.88 26.20 -3.79
N GLY E 116 11.17 27.47 -4.04
CA GLY E 116 12.55 27.93 -4.07
C GLY E 116 13.17 28.15 -2.71
N LEU E 117 12.40 27.95 -1.64
CA LEU E 117 12.87 28.19 -0.29
C LEU E 117 13.76 27.05 0.19
N ARG E 118 14.37 27.26 1.36
CA ARG E 118 15.25 26.28 1.98
C ARG E 118 14.53 25.61 3.15
N ALA E 119 14.58 24.29 3.18
CA ALA E 119 13.91 23.55 4.25
C ALA E 119 14.60 23.82 5.58
N PRO E 120 13.86 23.89 6.69
CA PRO E 120 14.49 24.08 7.99
C PRO E 120 15.37 22.90 8.37
N GLN E 121 16.48 23.20 9.03
CA GLN E 121 17.42 22.15 9.41
C GLN E 121 16.87 21.28 10.54
N ARG E 122 16.11 21.87 11.47
CA ARG E 122 15.54 21.16 12.59
C ARG E 122 14.04 21.41 12.63
N CYS E 123 13.26 20.34 12.63
CA CYS E 123 11.80 20.45 12.68
C CYS E 123 11.22 19.12 13.11
N ASP E 124 10.28 19.16 14.04
CA ASP E 124 9.60 17.97 14.55
C ASP E 124 8.12 18.07 14.18
N LEU E 125 7.71 17.30 13.17
CA LEU E 125 6.33 17.35 12.73
C LEU E 125 5.40 16.61 13.69
N ASP E 126 5.92 15.63 14.41
CA ASP E 126 5.11 14.85 15.36
C ASP E 126 4.66 15.72 16.53
#